data_4Q58
#
_entry.id   4Q58
#
_cell.length_a   96.341
_cell.length_b   96.341
_cell.length_c   208.025
_cell.angle_alpha   90.00
_cell.angle_beta   90.00
_cell.angle_gamma   120.00
#
_symmetry.space_group_name_H-M   'P 65'
#
loop_
_entity.id
_entity.type
_entity.pdbx_description
1 polymer Plectin
2 polymer 'Integrin beta-4'
#
loop_
_entity_poly.entity_id
_entity_poly.type
_entity_poly.pdbx_seq_one_letter_code
_entity_poly.pdbx_strand_id
1 'polypeptide(L)'
;DERDRVQKKTFTKWVNKHLIKAQRHISDLYEDLRDGHNLISLLEVLSGDSLPREKGRMRFHKLQNVQIALDYLRHRQVKL
VNIRNDDIADGNPKLTLGLIWTIILHFQISDIQVSGQSEDMTAKEKLLLWSQRMVEGYQGLRCDNFTSSWRDGRLFNAII
HRHKPLLIDMNKVYRQTNLENLDQAFSVAERDLGVTRLLDPEDVDVPQPDEKSIITYVSSLYDAMP
;
A,B
2 'polypeptide(L)'
;DLGAPQNPNAKAAGSRKIHFNWLPPSGKPMGYRVKYWIQGDSESEAHLLDSKVPSVELTNLYPYCDYEMKVCAYGAQGEG
PYSSLVSCRTHQEVPSEPGRLAFNVVSSTVTQLSWAEPAETNGEITAYEVCYGLVNDDNRPIGPMKKVLVDNPKNRMLLI
ENLRESQPYRYTVKARNGAGWGPEREAIINLATQP
;
C,D
#
# COMPACT_ATOMS: atom_id res chain seq x y z
N ASP A 1 -18.24 -16.32 -12.20
CA ASP A 1 -18.28 -16.54 -10.76
C ASP A 1 -17.95 -17.99 -10.45
N GLU A 2 -18.90 -18.88 -10.75
CA GLU A 2 -18.67 -20.31 -10.68
C GLU A 2 -17.75 -20.54 -11.88
N ARG A 3 -17.90 -19.68 -12.88
CA ARG A 3 -17.06 -19.67 -14.06
C ARG A 3 -15.61 -19.37 -13.68
N ASP A 4 -15.47 -18.44 -12.74
CA ASP A 4 -14.17 -18.05 -12.25
C ASP A 4 -13.45 -19.03 -11.32
N ARG A 5 -14.21 -19.79 -10.57
CA ARG A 5 -13.67 -20.68 -9.53
C ARG A 5 -12.63 -21.69 -10.05
N VAL A 6 -12.85 -22.20 -11.26
CA VAL A 6 -11.93 -23.16 -11.87
C VAL A 6 -10.53 -22.57 -12.00
N GLN A 7 -10.45 -21.32 -12.44
CA GLN A 7 -9.17 -20.63 -12.57
C GLN A 7 -8.54 -20.35 -11.22
N LYS A 8 -9.38 -19.98 -10.25
CA LYS A 8 -8.95 -19.79 -8.87
C LYS A 8 -8.35 -21.08 -8.31
N LYS A 9 -8.97 -22.21 -8.64
CA LYS A 9 -8.48 -23.51 -8.21
C LYS A 9 -7.12 -23.81 -8.81
N THR A 10 -7.02 -23.64 -10.12
CA THR A 10 -5.79 -23.95 -10.86
C THR A 10 -4.59 -23.14 -10.39
N PHE A 11 -4.79 -21.84 -10.20
CA PHE A 11 -3.74 -20.96 -9.70
C PHE A 11 -3.29 -21.38 -8.31
N THR A 12 -4.25 -21.78 -7.48
CA THR A 12 -3.96 -22.17 -6.11
C THR A 12 -3.06 -23.40 -6.06
N LYS A 13 -3.39 -24.40 -6.87
CA LYS A 13 -2.61 -25.63 -6.91
C LYS A 13 -1.23 -25.36 -7.52
N TRP A 14 -1.16 -24.34 -8.37
CA TRP A 14 0.11 -23.96 -8.98
C TRP A 14 1.03 -23.31 -7.95
N VAL A 15 0.48 -22.33 -7.23
CA VAL A 15 1.23 -21.62 -6.19
C VAL A 15 1.71 -22.56 -5.10
N ASN A 16 0.82 -23.44 -4.65
CA ASN A 16 1.14 -24.44 -3.64
C ASN A 16 2.31 -25.34 -4.04
N LYS A 17 2.31 -25.78 -5.29
CA LYS A 17 3.38 -26.62 -5.83
C LYS A 17 4.76 -26.02 -5.64
N HIS A 18 4.89 -24.76 -6.06
CA HIS A 18 6.14 -24.04 -5.96
C HIS A 18 6.42 -23.60 -4.52
N LEU A 19 5.36 -23.45 -3.73
CA LEU A 19 5.54 -23.14 -2.32
C LEU A 19 6.29 -24.26 -1.60
N ILE A 20 5.89 -25.51 -1.74
CA ILE A 20 6.17 -26.47 -0.71
C ILE A 20 7.65 -26.41 -0.27
N LYS A 21 8.59 -26.17 -1.17
CA LYS A 21 9.95 -25.91 -0.72
C LYS A 21 9.94 -24.94 0.47
N ALA A 22 9.26 -23.81 0.30
CA ALA A 22 8.91 -22.97 1.44
C ALA A 22 7.68 -23.61 2.07
N GLN A 23 7.87 -24.24 3.23
CA GLN A 23 6.89 -25.17 3.73
C GLN A 23 5.74 -24.38 4.32
N ARG A 24 5.10 -23.64 3.42
CA ARG A 24 3.75 -23.10 3.62
C ARG A 24 2.82 -23.57 2.49
N HIS A 25 1.51 -23.52 2.76
CA HIS A 25 0.50 -23.99 1.83
C HIS A 25 -0.78 -23.15 1.94
N ILE A 26 -1.36 -22.80 0.79
CA ILE A 26 -2.55 -21.96 0.74
C ILE A 26 -3.84 -22.80 0.80
N SER A 27 -4.85 -22.30 1.51
CA SER A 27 -6.15 -22.97 1.53
C SER A 27 -7.18 -22.13 0.79
N ASP A 28 -6.91 -20.83 0.71
CA ASP A 28 -7.76 -19.92 -0.05
C ASP A 28 -6.93 -18.79 -0.60
N LEU A 29 -6.98 -18.63 -1.92
CA LEU A 29 -6.12 -17.70 -2.63
C LEU A 29 -6.39 -16.23 -2.27
N TYR A 30 -7.64 -15.92 -1.92
CA TYR A 30 -8.04 -14.53 -1.75
C TYR A 30 -7.72 -13.97 -0.36
N GLU A 31 -7.27 -14.84 0.55
CA GLU A 31 -6.98 -14.41 1.92
C GLU A 31 -5.53 -14.65 2.32
N ASP A 32 -5.02 -15.84 2.02
CA ASP A 32 -3.67 -16.24 2.45
C ASP A 32 -2.54 -15.48 1.76
N LEU A 33 -2.87 -14.58 0.83
CA LEU A 33 -1.85 -13.79 0.14
C LEU A 33 -1.79 -12.36 0.65
N ARG A 34 -2.88 -11.93 1.28
CA ARG A 34 -3.07 -10.54 1.68
C ARG A 34 -1.92 -9.94 2.49
N ASP A 35 -1.24 -10.77 3.26
CA ASP A 35 -0.14 -10.31 4.11
C ASP A 35 1.18 -10.23 3.35
N GLY A 36 1.24 -10.88 2.18
CA GLY A 36 2.40 -10.77 1.32
C GLY A 36 3.54 -11.72 1.63
N HIS A 37 3.56 -12.26 2.84
CA HIS A 37 4.60 -13.21 3.24
C HIS A 37 4.65 -14.44 2.33
N ASN A 38 3.49 -14.87 1.85
CA ASN A 38 3.43 -16.00 0.94
C ASN A 38 3.87 -15.61 -0.47
N LEU A 39 3.51 -14.39 -0.88
CA LEU A 39 3.89 -13.87 -2.18
C LEU A 39 5.40 -13.81 -2.33
N ILE A 40 6.06 -13.27 -1.31
CA ILE A 40 7.51 -13.07 -1.34
C ILE A 40 8.25 -14.41 -1.39
N SER A 41 7.70 -15.42 -0.71
CA SER A 41 8.27 -16.75 -0.72
C SER A 41 8.21 -17.35 -2.12
N LEU A 42 7.12 -17.08 -2.83
CA LEU A 42 6.96 -17.56 -4.20
C LEU A 42 8.03 -16.98 -5.12
N LEU A 43 8.39 -15.71 -4.89
CA LEU A 43 9.42 -15.06 -5.68
C LEU A 43 10.80 -15.45 -5.20
N GLU A 44 10.92 -15.72 -3.91
CA GLU A 44 12.19 -16.14 -3.32
C GLU A 44 12.63 -17.51 -3.84
N VAL A 45 11.66 -18.31 -4.26
CA VAL A 45 11.94 -19.66 -4.76
C VAL A 45 12.06 -19.68 -6.28
N LEU A 46 11.13 -19.03 -6.96
CA LEU A 46 11.08 -19.00 -8.41
C LEU A 46 12.25 -18.26 -9.05
N SER A 47 13.17 -17.76 -8.21
CA SER A 47 14.32 -17.03 -8.73
C SER A 47 15.58 -17.31 -7.94
N GLY A 48 15.41 -17.80 -6.71
CA GLY A 48 16.55 -18.09 -5.85
C GLY A 48 17.01 -16.90 -5.02
N ASP A 49 16.72 -15.69 -5.51
CA ASP A 49 17.14 -14.46 -4.84
C ASP A 49 16.53 -14.35 -3.45
N SER A 50 17.13 -13.53 -2.59
CA SER A 50 16.69 -13.35 -1.22
C SER A 50 16.03 -11.98 -0.97
N LEU A 51 14.71 -11.98 -0.79
CA LEU A 51 13.94 -10.75 -0.64
C LEU A 51 13.61 -10.47 0.83
N PRO A 52 13.59 -9.18 1.21
CA PRO A 52 13.35 -8.72 2.59
C PRO A 52 11.88 -8.79 3.00
N ARG A 53 11.61 -8.69 4.30
CA ARG A 53 10.25 -8.78 4.83
C ARG A 53 10.07 -7.93 6.08
N GLU A 54 9.05 -7.07 6.09
CA GLU A 54 8.66 -6.41 7.32
C GLU A 54 7.90 -7.42 8.17
N LYS A 55 7.84 -7.19 9.48
CA LYS A 55 7.25 -8.18 10.37
C LYS A 55 6.09 -7.63 11.21
N GLY A 56 5.75 -6.36 10.98
CA GLY A 56 4.65 -5.75 11.72
C GLY A 56 3.28 -6.34 11.41
N ARG A 57 2.23 -5.78 12.00
CA ARG A 57 0.89 -6.30 11.79
C ARG A 57 -0.13 -5.23 11.40
N MET A 58 0.31 -3.97 11.41
CA MET A 58 -0.53 -2.88 10.93
C MET A 58 -0.78 -3.04 9.43
N ARG A 59 -1.81 -2.38 8.92
CA ARG A 59 -2.08 -2.38 7.49
C ARG A 59 -0.86 -1.88 6.72
N PHE A 60 -0.22 -0.86 7.27
CA PHE A 60 0.98 -0.27 6.67
C PHE A 60 2.07 -1.31 6.46
N HIS A 61 2.15 -2.26 7.37
CA HIS A 61 3.17 -3.30 7.30
C HIS A 61 2.94 -4.28 6.15
N LYS A 62 1.72 -4.77 6.02
CA LYS A 62 1.37 -5.65 4.92
C LYS A 62 1.39 -4.91 3.59
N LEU A 63 0.99 -3.65 3.61
CA LEU A 63 1.05 -2.80 2.42
C LEU A 63 2.50 -2.62 1.99
N GLN A 64 3.38 -2.39 2.96
CA GLN A 64 4.80 -2.23 2.68
C GLN A 64 5.43 -3.58 2.38
N ASN A 65 4.82 -4.64 2.90
CA ASN A 65 5.31 -5.99 2.67
C ASN A 65 5.07 -6.44 1.22
N VAL A 66 3.86 -6.17 0.73
CA VAL A 66 3.47 -6.59 -0.60
C VAL A 66 4.12 -5.74 -1.69
N GLN A 67 4.40 -4.47 -1.36
CA GLN A 67 5.03 -3.56 -2.32
C GLN A 67 6.41 -4.07 -2.68
N ILE A 68 7.02 -4.82 -1.77
CA ILE A 68 8.33 -5.41 -2.01
C ILE A 68 8.23 -6.49 -3.08
N ALA A 69 7.12 -7.25 -3.06
CA ALA A 69 6.90 -8.29 -4.05
C ALA A 69 6.67 -7.69 -5.43
N LEU A 70 5.87 -6.63 -5.47
CA LEU A 70 5.53 -5.96 -6.73
C LEU A 70 6.74 -5.27 -7.33
N ASP A 71 7.62 -4.76 -6.48
CA ASP A 71 8.79 -4.03 -6.93
C ASP A 71 9.86 -4.95 -7.53
N TYR A 72 9.96 -6.17 -7.01
CA TYR A 72 10.88 -7.15 -7.59
C TYR A 72 10.42 -7.55 -8.99
N LEU A 73 9.12 -7.46 -9.23
CA LEU A 73 8.55 -7.69 -10.55
C LEU A 73 8.76 -6.48 -11.43
N ARG A 74 8.50 -5.29 -10.87
CA ARG A 74 8.71 -4.04 -11.60
C ARG A 74 10.17 -3.89 -12.02
N HIS A 75 11.07 -4.18 -11.09
CA HIS A 75 12.50 -4.08 -11.35
C HIS A 75 12.93 -5.09 -12.40
N ARG A 76 12.19 -6.20 -12.49
CA ARG A 76 12.47 -7.22 -13.49
C ARG A 76 11.73 -6.93 -14.78
N GLN A 77 11.43 -5.65 -15.01
CA GLN A 77 10.82 -5.16 -16.24
C GLN A 77 9.39 -5.65 -16.51
N VAL A 78 8.88 -6.49 -15.62
CA VAL A 78 7.54 -7.05 -15.77
C VAL A 78 6.49 -5.95 -15.71
N LYS A 79 5.57 -5.96 -16.67
CA LYS A 79 4.58 -4.90 -16.78
C LYS A 79 3.31 -5.17 -15.96
N LEU A 80 3.16 -4.43 -14.85
CA LEU A 80 1.98 -4.52 -14.02
C LEU A 80 1.02 -3.36 -14.28
N VAL A 81 -0.15 -3.66 -14.82
CA VAL A 81 -1.15 -2.64 -15.09
C VAL A 81 -2.32 -2.77 -14.11
N ASN A 82 -2.90 -1.63 -13.75
CA ASN A 82 -4.07 -1.55 -12.86
C ASN A 82 -4.02 -2.38 -11.58
N ILE A 83 -2.80 -2.65 -11.08
CA ILE A 83 -2.63 -3.37 -9.83
C ILE A 83 -1.94 -2.47 -8.80
N ARG A 84 -2.59 -2.27 -7.66
CA ARG A 84 -2.10 -1.37 -6.61
C ARG A 84 -1.80 -2.17 -5.34
N ASN A 85 -1.07 -1.55 -4.41
CA ASN A 85 -0.82 -2.13 -3.09
C ASN A 85 -2.23 -2.11 -2.51
N ASP A 86 -3.02 -1.10 -2.80
CA ASP A 86 -4.36 -1.02 -2.18
C ASP A 86 -5.21 -2.21 -2.68
N ASP A 87 -5.03 -2.59 -3.94
CA ASP A 87 -5.66 -3.82 -4.49
C ASP A 87 -5.52 -5.20 -3.77
N ILE A 88 -4.27 -5.66 -3.59
CA ILE A 88 -4.02 -6.98 -3.05
C ILE A 88 -4.10 -7.24 -1.54
N ALA A 89 -3.56 -6.31 -0.75
CA ALA A 89 -3.50 -6.49 0.70
C ALA A 89 -4.88 -6.65 1.34
N ASP A 90 -5.93 -6.26 0.63
CA ASP A 90 -7.30 -6.46 1.11
C ASP A 90 -7.94 -7.62 0.36
N GLY A 91 -7.26 -8.09 -0.68
CA GLY A 91 -7.70 -9.26 -1.42
C GLY A 91 -8.84 -9.03 -2.40
N ASN A 92 -8.65 -8.10 -3.34
CA ASN A 92 -9.55 -7.98 -4.48
C ASN A 92 -9.26 -9.13 -5.43
N PRO A 93 -10.12 -10.15 -5.41
CA PRO A 93 -9.85 -11.44 -6.05
C PRO A 93 -9.41 -11.34 -7.51
N LYS A 94 -10.09 -10.54 -8.32
CA LYS A 94 -9.75 -10.44 -9.72
C LYS A 94 -8.33 -9.92 -9.92
N LEU A 95 -7.93 -8.95 -9.09
CA LEU A 95 -6.60 -8.37 -9.20
C LEU A 95 -5.54 -9.25 -8.54
N THR A 96 -5.98 -10.12 -7.64
CA THR A 96 -5.10 -11.11 -7.05
C THR A 96 -4.84 -12.22 -8.07
N LEU A 97 -5.91 -12.66 -8.72
CA LEU A 97 -5.82 -13.64 -9.80
C LEU A 97 -4.96 -13.08 -10.92
N GLY A 98 -5.17 -11.82 -11.24
CA GLY A 98 -4.42 -11.14 -12.27
C GLY A 98 -2.92 -11.13 -12.03
N LEU A 99 -2.53 -10.88 -10.78
CA LEU A 99 -1.11 -10.86 -10.42
C LEU A 99 -0.47 -12.24 -10.57
N ILE A 100 -1.15 -13.26 -10.04
CA ILE A 100 -0.66 -14.62 -10.07
C ILE A 100 -0.50 -15.12 -11.51
N TRP A 101 -1.38 -14.65 -12.40
CA TRP A 101 -1.25 -14.96 -13.82
C TRP A 101 0.01 -14.33 -14.40
N THR A 102 0.26 -13.08 -14.01
CA THR A 102 1.44 -12.36 -14.48
C THR A 102 2.69 -13.12 -14.12
N ILE A 103 2.73 -13.60 -12.88
CA ILE A 103 3.85 -14.41 -12.39
C ILE A 103 4.02 -15.68 -13.19
N ILE A 104 2.90 -16.35 -13.50
CA ILE A 104 2.94 -17.56 -14.31
C ILE A 104 3.41 -17.23 -15.72
N LEU A 105 2.98 -16.09 -16.23
CA LEU A 105 3.34 -15.68 -17.57
C LEU A 105 4.82 -15.32 -17.67
N HIS A 106 5.34 -14.72 -16.61
CA HIS A 106 6.74 -14.31 -16.59
C HIS A 106 7.69 -15.49 -16.36
N PHE A 107 7.39 -16.32 -15.37
CA PHE A 107 8.31 -17.36 -14.93
C PHE A 107 8.15 -18.70 -15.64
N GLN A 108 6.97 -18.96 -16.21
CA GLN A 108 6.71 -20.27 -16.78
C GLN A 108 6.25 -20.23 -18.25
N ILE A 109 6.16 -19.03 -18.83
CA ILE A 109 5.89 -18.91 -20.26
C ILE A 109 6.70 -17.76 -20.89
N SER A 110 8.02 -17.88 -20.83
CA SER A 110 8.88 -16.85 -21.42
C SER A 110 9.90 -17.50 -22.34
N ASP A 111 10.54 -18.57 -21.87
CA ASP A 111 11.53 -19.27 -22.67
C ASP A 111 10.91 -20.41 -23.45
N ILE A 112 9.82 -20.11 -24.16
CA ILE A 112 9.21 -21.08 -25.06
C ILE A 112 10.00 -21.09 -26.36
N GLN A 113 10.50 -22.24 -26.77
CA GLN A 113 11.26 -22.30 -28.00
C GLN A 113 10.96 -23.51 -28.89
N VAL A 114 10.54 -23.20 -30.12
CA VAL A 114 10.10 -24.19 -31.07
C VAL A 114 10.76 -23.93 -32.43
N SER A 115 10.95 -24.99 -33.21
CA SER A 115 11.55 -24.86 -34.53
C SER A 115 10.66 -24.04 -35.46
N GLY A 116 11.24 -23.05 -36.12
CA GLY A 116 10.53 -22.28 -37.13
C GLY A 116 9.82 -21.05 -36.56
N GLN A 117 10.42 -20.44 -35.54
CA GLN A 117 9.85 -19.27 -34.90
C GLN A 117 9.90 -18.03 -35.78
N SER A 118 8.85 -17.23 -35.69
CA SER A 118 8.87 -15.88 -36.21
C SER A 118 8.99 -14.96 -35.00
N GLU A 119 10.12 -14.24 -34.93
CA GLU A 119 10.47 -13.56 -33.71
C GLU A 119 9.64 -12.30 -33.63
N ASP A 120 8.34 -12.53 -33.51
CA ASP A 120 7.40 -11.47 -33.19
C ASP A 120 6.30 -12.03 -32.30
N MET A 121 6.07 -13.34 -32.45
CA MET A 121 4.94 -14.00 -31.82
C MET A 121 4.96 -13.92 -30.31
N THR A 122 3.77 -13.82 -29.72
CA THR A 122 3.61 -13.83 -28.27
C THR A 122 4.02 -15.19 -27.73
N ALA A 123 4.13 -15.29 -26.41
CA ALA A 123 4.46 -16.56 -25.79
C ALA A 123 3.39 -17.61 -26.08
N LYS A 124 2.14 -17.16 -26.06
CA LYS A 124 0.99 -18.04 -26.27
C LYS A 124 1.02 -18.72 -27.63
N GLU A 125 1.21 -17.91 -28.68
CA GLU A 125 1.25 -18.38 -30.05
C GLU A 125 2.35 -19.42 -30.23
N LYS A 126 3.47 -19.22 -29.54
CA LYS A 126 4.60 -20.12 -29.62
C LYS A 126 4.22 -21.48 -29.04
N LEU A 127 3.61 -21.46 -27.86
CA LEU A 127 3.16 -22.69 -27.22
C LEU A 127 2.03 -23.29 -28.03
N LEU A 128 1.22 -22.43 -28.66
CA LEU A 128 0.15 -22.88 -29.54
C LEU A 128 0.74 -23.50 -30.80
N LEU A 129 1.89 -22.97 -31.23
CA LEU A 129 2.61 -23.53 -32.37
C LEU A 129 3.28 -24.84 -31.96
N TRP A 130 3.86 -24.84 -30.77
CA TRP A 130 4.50 -26.03 -30.21
C TRP A 130 3.51 -27.16 -30.04
N SER A 131 2.30 -26.82 -29.62
CA SER A 131 1.24 -27.80 -29.46
C SER A 131 0.91 -28.43 -30.80
N GLN A 132 0.67 -27.56 -31.80
CA GLN A 132 0.32 -28.01 -33.14
C GLN A 132 1.41 -28.89 -33.75
N ARG A 133 2.65 -28.49 -33.56
CA ARG A 133 3.79 -29.19 -34.15
C ARG A 133 3.96 -30.61 -33.61
N MET A 134 3.68 -30.83 -32.34
CA MET A 134 3.79 -32.16 -31.76
C MET A 134 2.72 -33.09 -32.28
N VAL A 135 1.48 -32.60 -32.32
CA VAL A 135 0.33 -33.38 -32.77
C VAL A 135 0.18 -33.35 -34.29
N GLU A 136 1.26 -32.98 -34.97
CA GLU A 136 1.27 -32.79 -36.42
C GLU A 136 0.82 -34.02 -37.20
N GLY A 137 1.41 -35.16 -36.88
CA GLY A 137 1.22 -36.35 -37.67
C GLY A 137 0.10 -37.28 -37.23
N TYR A 138 -0.48 -37.00 -36.07
CA TYR A 138 -1.59 -37.80 -35.58
C TYR A 138 -2.83 -37.56 -36.44
N GLN A 139 -3.75 -38.52 -36.45
CA GLN A 139 -4.89 -38.46 -37.35
C GLN A 139 -6.15 -37.88 -36.69
N GLY A 140 -6.79 -36.94 -37.38
CA GLY A 140 -8.05 -36.38 -36.93
C GLY A 140 -7.89 -35.43 -35.76
N LEU A 141 -6.69 -34.89 -35.59
CA LEU A 141 -6.37 -34.06 -34.44
C LEU A 141 -5.87 -32.68 -34.83
N ARG A 142 -6.57 -31.65 -34.37
CA ARG A 142 -6.11 -30.28 -34.53
C ARG A 142 -6.17 -29.57 -33.18
N CYS A 143 -5.23 -28.67 -32.95
CA CYS A 143 -5.22 -27.86 -31.74
C CYS A 143 -5.25 -26.37 -32.11
N ASP A 144 -6.45 -25.84 -32.32
CA ASP A 144 -6.62 -24.47 -32.80
C ASP A 144 -6.78 -23.42 -31.69
N ASN A 145 -7.24 -23.85 -30.52
CA ASN A 145 -7.36 -22.94 -29.38
C ASN A 145 -7.03 -23.61 -28.07
N PHE A 146 -6.80 -22.81 -27.03
CA PHE A 146 -6.57 -23.34 -25.70
C PHE A 146 -7.87 -23.45 -24.92
N THR A 147 -8.97 -23.60 -25.64
CA THR A 147 -10.30 -23.69 -25.04
C THR A 147 -11.00 -24.99 -25.45
N SER A 148 -11.66 -24.96 -26.60
CA SER A 148 -12.50 -26.06 -27.04
C SER A 148 -11.74 -27.19 -27.73
N SER A 149 -10.46 -26.97 -27.97
CA SER A 149 -9.67 -27.97 -28.68
C SER A 149 -9.27 -29.14 -27.79
N TRP A 150 -9.09 -28.86 -26.50
CA TRP A 150 -8.52 -29.83 -25.56
C TRP A 150 -9.61 -30.58 -24.79
N ARG A 151 -10.88 -30.29 -25.09
CA ARG A 151 -12.01 -30.85 -24.34
C ARG A 151 -11.96 -32.37 -24.25
N ASP A 152 -11.74 -33.00 -25.40
CA ASP A 152 -11.69 -34.47 -25.46
C ASP A 152 -10.51 -35.08 -24.72
N GLY A 153 -9.42 -34.33 -24.62
CA GLY A 153 -8.22 -34.79 -23.94
C GLY A 153 -7.31 -35.58 -24.88
N ARG A 154 -7.73 -35.71 -26.13
CA ARG A 154 -6.95 -36.43 -27.13
C ARG A 154 -5.62 -35.73 -27.34
N LEU A 155 -5.64 -34.40 -27.33
CA LEU A 155 -4.44 -33.59 -27.51
C LEU A 155 -3.42 -33.87 -26.42
N PHE A 156 -3.89 -34.08 -25.20
CA PHE A 156 -3.02 -34.40 -24.08
C PHE A 156 -2.27 -35.71 -24.29
N ASN A 157 -3.01 -36.75 -24.68
CA ASN A 157 -2.43 -38.06 -24.91
C ASN A 157 -1.48 -38.13 -26.10
N ALA A 158 -1.63 -37.18 -27.02
CA ALA A 158 -0.74 -37.12 -28.17
C ALA A 158 0.61 -36.53 -27.77
N ILE A 159 0.55 -35.39 -27.08
CA ILE A 159 1.76 -34.68 -26.63
C ILE A 159 2.62 -35.59 -25.77
N ILE A 160 1.98 -36.49 -25.03
CA ILE A 160 2.69 -37.49 -24.25
C ILE A 160 3.31 -38.53 -25.19
N HIS A 161 2.46 -39.14 -26.01
CA HIS A 161 2.86 -40.25 -26.87
C HIS A 161 3.96 -39.86 -27.86
N ARG A 162 3.92 -38.61 -28.29
CA ARG A 162 4.95 -38.06 -29.16
C ARG A 162 6.31 -38.12 -28.45
N HIS A 163 6.31 -37.75 -27.18
CA HIS A 163 7.51 -37.82 -26.36
C HIS A 163 7.85 -39.29 -26.11
N LYS A 164 6.90 -40.03 -25.54
CA LYS A 164 7.18 -41.37 -25.07
C LYS A 164 6.03 -42.32 -25.43
N PRO A 165 6.18 -43.07 -26.53
CA PRO A 165 5.14 -43.96 -27.05
C PRO A 165 5.00 -45.23 -26.22
N LEU A 166 5.90 -45.41 -25.26
CA LEU A 166 5.90 -46.60 -24.42
C LEU A 166 4.81 -46.54 -23.34
N LEU A 167 4.03 -45.46 -23.33
CA LEU A 167 3.08 -45.23 -22.25
C LEU A 167 1.65 -44.97 -22.70
N ILE A 168 1.46 -44.68 -23.98
CA ILE A 168 0.12 -44.41 -24.49
C ILE A 168 -0.22 -45.34 -25.66
N ASP A 169 -1.41 -45.92 -25.63
CA ASP A 169 -1.93 -46.66 -26.77
C ASP A 169 -2.95 -45.78 -27.47
N MET A 170 -2.52 -45.13 -28.54
CA MET A 170 -3.28 -44.07 -29.17
C MET A 170 -4.66 -44.49 -29.68
N ASN A 171 -4.75 -45.72 -30.19
CA ASN A 171 -6.01 -46.21 -30.73
C ASN A 171 -7.14 -46.21 -29.71
N LYS A 172 -6.79 -46.41 -28.44
CA LYS A 172 -7.78 -46.49 -27.37
C LYS A 172 -8.36 -45.12 -27.01
N VAL A 173 -7.52 -44.11 -26.98
CA VAL A 173 -7.96 -42.76 -26.62
C VAL A 173 -8.93 -42.20 -27.66
N TYR A 174 -8.90 -42.78 -28.86
CA TYR A 174 -9.80 -42.39 -29.92
C TYR A 174 -11.24 -42.82 -29.62
N ARG A 175 -11.38 -43.95 -28.93
CA ARG A 175 -12.70 -44.53 -28.71
C ARG A 175 -13.34 -44.18 -27.37
N GLN A 176 -12.52 -44.08 -26.32
CA GLN A 176 -13.06 -43.88 -24.97
C GLN A 176 -13.48 -42.44 -24.67
N THR A 177 -14.16 -42.26 -23.54
CA THR A 177 -14.76 -41.00 -23.16
C THR A 177 -13.75 -39.87 -22.98
N ASN A 178 -14.23 -38.64 -22.96
CA ASN A 178 -13.37 -37.49 -22.73
C ASN A 178 -12.73 -37.58 -21.34
N LEU A 179 -13.48 -38.08 -20.37
CA LEU A 179 -13.00 -38.24 -19.01
C LEU A 179 -11.81 -39.20 -18.95
N GLU A 180 -12.05 -40.43 -19.42
CA GLU A 180 -11.02 -41.47 -19.43
C GLU A 180 -9.73 -41.00 -20.09
N ASN A 181 -9.86 -40.17 -21.12
CA ASN A 181 -8.69 -39.57 -21.76
C ASN A 181 -7.99 -38.59 -20.83
N LEU A 182 -8.77 -37.72 -20.20
CA LEU A 182 -8.22 -36.70 -19.31
C LEU A 182 -7.50 -37.33 -18.12
N ASP A 183 -8.19 -38.24 -17.44
CA ASP A 183 -7.66 -38.84 -16.22
C ASP A 183 -6.39 -39.65 -16.48
N GLN A 184 -6.45 -40.54 -17.47
CA GLN A 184 -5.30 -41.36 -17.83
C GLN A 184 -4.10 -40.51 -18.23
N ALA A 185 -4.34 -39.44 -18.97
CA ALA A 185 -3.27 -38.53 -19.37
C ALA A 185 -2.66 -37.87 -18.15
N PHE A 186 -3.51 -37.35 -17.28
CA PHE A 186 -3.05 -36.68 -16.07
C PHE A 186 -2.22 -37.59 -15.17
N SER A 187 -2.70 -38.81 -14.94
CA SER A 187 -1.97 -39.76 -14.11
C SER A 187 -0.62 -40.12 -14.72
N VAL A 188 -0.62 -40.36 -16.03
CA VAL A 188 0.60 -40.67 -16.76
C VAL A 188 1.62 -39.53 -16.65
N ALA A 189 1.13 -38.31 -16.75
CA ALA A 189 1.98 -37.12 -16.70
C ALA A 189 2.59 -36.92 -15.31
N GLU A 190 1.91 -37.41 -14.29
CA GLU A 190 2.41 -37.26 -12.92
C GLU A 190 3.38 -38.37 -12.54
N ARG A 191 2.95 -39.62 -12.71
CA ARG A 191 3.74 -40.77 -12.30
C ARG A 191 5.04 -40.94 -13.10
N ASP A 192 5.05 -40.43 -14.33
CA ASP A 192 6.18 -40.69 -15.22
C ASP A 192 6.89 -39.45 -15.76
N LEU A 193 6.22 -38.31 -15.75
CA LEU A 193 6.81 -37.08 -16.26
C LEU A 193 7.05 -36.06 -15.15
N GLY A 194 6.55 -36.37 -13.96
CA GLY A 194 6.81 -35.55 -12.79
C GLY A 194 6.05 -34.23 -12.76
N VAL A 195 5.04 -34.11 -13.61
CA VAL A 195 4.20 -32.92 -13.63
C VAL A 195 3.05 -33.06 -12.64
N THR A 196 2.56 -31.94 -12.12
CA THR A 196 1.56 -31.96 -11.06
C THR A 196 0.13 -31.90 -11.61
N ARG A 197 -0.81 -32.55 -10.94
CA ARG A 197 -2.16 -32.64 -11.47
C ARG A 197 -2.89 -31.34 -11.17
N LEU A 198 -2.61 -30.35 -12.02
CA LEU A 198 -3.11 -28.99 -11.87
C LEU A 198 -4.59 -28.94 -12.24
N LEU A 199 -5.02 -29.83 -13.13
CA LEU A 199 -6.40 -29.86 -13.58
C LEU A 199 -7.09 -31.17 -13.21
N ASP A 200 -8.34 -31.07 -12.79
CA ASP A 200 -9.20 -32.24 -12.59
C ASP A 200 -10.15 -32.37 -13.78
N PRO A 201 -10.31 -33.60 -14.29
CA PRO A 201 -11.06 -33.92 -15.52
C PRO A 201 -12.45 -33.29 -15.56
N GLU A 202 -13.16 -33.35 -14.44
CA GLU A 202 -14.49 -32.76 -14.31
C GLU A 202 -14.54 -31.28 -14.71
N ASP A 203 -13.48 -30.55 -14.42
CA ASP A 203 -13.42 -29.12 -14.74
C ASP A 203 -13.24 -28.89 -16.24
N VAL A 204 -12.62 -29.85 -16.92
CA VAL A 204 -12.26 -29.68 -18.33
C VAL A 204 -13.35 -30.09 -19.31
N ASP A 205 -14.06 -31.18 -19.01
CA ASP A 205 -15.09 -31.70 -19.90
C ASP A 205 -16.36 -30.84 -19.88
N VAL A 206 -16.21 -29.58 -20.29
CA VAL A 206 -17.31 -28.64 -20.39
C VAL A 206 -17.10 -27.87 -21.70
N PRO A 207 -18.15 -27.19 -22.22
CA PRO A 207 -18.02 -26.54 -23.53
C PRO A 207 -16.85 -25.56 -23.64
N GLN A 208 -16.76 -24.57 -22.76
CA GLN A 208 -15.68 -23.60 -22.84
C GLN A 208 -14.79 -23.61 -21.60
N PRO A 209 -13.81 -24.52 -21.58
CA PRO A 209 -12.89 -24.65 -20.44
C PRO A 209 -12.04 -23.39 -20.28
N ASP A 210 -11.59 -23.12 -19.04
CA ASP A 210 -10.83 -21.92 -18.74
C ASP A 210 -9.51 -21.92 -19.50
N GLU A 211 -9.38 -20.99 -20.44
CA GLU A 211 -8.19 -20.90 -21.27
C GLU A 211 -6.91 -20.71 -20.45
N LYS A 212 -6.97 -19.78 -19.49
CA LYS A 212 -5.83 -19.48 -18.63
C LYS A 212 -5.36 -20.71 -17.86
N SER A 213 -6.29 -21.52 -17.40
CA SER A 213 -5.94 -22.72 -16.67
C SER A 213 -5.34 -23.76 -17.61
N ILE A 214 -5.82 -23.78 -18.84
CA ILE A 214 -5.27 -24.65 -19.87
C ILE A 214 -3.82 -24.28 -20.16
N ILE A 215 -3.62 -23.01 -20.53
CA ILE A 215 -2.29 -22.50 -20.84
C ILE A 215 -1.27 -22.81 -19.75
N THR A 216 -1.71 -22.71 -18.51
CA THR A 216 -0.86 -23.00 -17.37
C THR A 216 -0.45 -24.48 -17.34
N TYR A 217 -1.38 -25.38 -17.65
CA TYR A 217 -1.08 -26.80 -17.60
C TYR A 217 -0.20 -27.27 -18.76
N VAL A 218 -0.44 -26.74 -19.95
CA VAL A 218 0.39 -27.08 -21.09
C VAL A 218 1.79 -26.50 -20.90
N SER A 219 1.89 -25.41 -20.16
CA SER A 219 3.17 -24.83 -19.82
C SER A 219 3.91 -25.80 -18.90
N SER A 220 3.17 -26.40 -17.98
CA SER A 220 3.73 -27.38 -17.04
C SER A 220 4.06 -28.68 -17.77
N LEU A 221 3.51 -28.83 -18.96
CA LEU A 221 3.70 -30.04 -19.76
C LEU A 221 4.93 -29.87 -20.65
N TYR A 222 5.34 -28.62 -20.83
CA TYR A 222 6.48 -28.28 -21.67
C TYR A 222 7.81 -28.33 -20.91
N ASP A 223 7.76 -28.06 -19.61
CA ASP A 223 8.95 -28.12 -18.77
C ASP A 223 9.52 -29.53 -18.76
N ALA A 224 8.63 -30.52 -18.82
CA ALA A 224 9.03 -31.92 -18.64
C ALA A 224 9.62 -32.54 -19.90
N MET A 225 9.19 -32.05 -21.07
CA MET A 225 9.67 -32.58 -22.33
C MET A 225 11.15 -32.27 -22.57
N ASP B 4 26.08 24.04 -7.51
CA ASP B 4 24.67 23.83 -7.82
C ASP B 4 24.44 23.86 -9.32
N ARG B 5 25.40 24.43 -10.03
CA ARG B 5 25.33 24.57 -11.48
C ARG B 5 25.12 23.21 -12.15
N VAL B 6 25.79 22.19 -11.61
CA VAL B 6 25.63 20.83 -12.11
C VAL B 6 24.32 20.22 -11.61
N GLN B 7 23.96 20.57 -10.39
CA GLN B 7 22.73 20.05 -9.78
C GLN B 7 21.50 20.52 -10.54
N LYS B 8 21.55 21.75 -11.05
CA LYS B 8 20.48 22.26 -11.90
C LYS B 8 20.48 21.53 -13.23
N LYS B 9 21.66 21.39 -13.81
CA LYS B 9 21.82 20.68 -15.08
C LYS B 9 21.32 19.25 -15.02
N THR B 10 21.65 18.55 -13.94
CA THR B 10 21.28 17.14 -13.81
C THR B 10 19.78 16.93 -13.59
N PHE B 11 19.18 17.82 -12.80
CA PHE B 11 17.74 17.80 -12.59
C PHE B 11 17.02 18.21 -13.87
N THR B 12 17.63 19.12 -14.62
CA THR B 12 17.05 19.59 -15.87
C THR B 12 17.06 18.50 -16.93
N LYS B 13 18.13 17.70 -16.96
CA LYS B 13 18.23 16.61 -17.92
C LYS B 13 17.34 15.45 -17.53
N TRP B 14 17.12 15.29 -16.23
CA TRP B 14 16.26 14.21 -15.74
C TRP B 14 14.79 14.50 -16.01
N VAL B 15 14.36 15.72 -15.70
CA VAL B 15 12.98 16.13 -15.94
C VAL B 15 12.65 16.15 -17.42
N ASN B 16 13.57 16.70 -18.21
CA ASN B 16 13.38 16.76 -19.66
C ASN B 16 13.27 15.38 -20.28
N LYS B 17 13.90 14.41 -19.64
CA LYS B 17 13.81 13.02 -20.10
C LYS B 17 12.39 12.47 -19.98
N HIS B 18 11.78 12.66 -18.81
CA HIS B 18 10.44 12.15 -18.59
C HIS B 18 9.38 13.04 -19.20
N LEU B 19 9.76 14.26 -19.57
CA LEU B 19 8.80 15.24 -20.07
C LEU B 19 8.57 15.16 -21.57
N ILE B 20 9.61 14.78 -22.32
CA ILE B 20 9.51 14.64 -23.78
C ILE B 20 8.32 13.74 -24.17
N LYS B 21 7.92 12.84 -23.27
CA LYS B 21 6.70 12.04 -23.43
C LYS B 21 5.52 12.86 -23.91
N ALA B 22 5.28 14.03 -23.31
CA ALA B 22 4.11 14.83 -23.65
C ALA B 22 4.11 16.30 -23.18
N GLN B 23 4.80 17.23 -23.86
CA GLN B 23 5.76 17.01 -24.94
C GLN B 23 6.76 18.17 -24.82
N ARG B 24 7.18 18.51 -23.60
CA ARG B 24 7.96 19.75 -23.40
C ARG B 24 9.42 19.60 -22.93
N HIS B 25 10.28 20.47 -23.48
CA HIS B 25 11.69 20.58 -23.08
C HIS B 25 11.92 21.87 -22.29
N ILE B 26 12.35 21.74 -21.04
CA ILE B 26 12.68 22.89 -20.20
C ILE B 26 13.96 23.59 -20.64
N SER B 27 13.88 24.90 -20.85
CA SER B 27 15.04 25.71 -21.18
C SER B 27 15.80 26.07 -19.91
N ASP B 28 15.13 26.78 -19.01
CA ASP B 28 15.70 27.14 -17.72
C ASP B 28 14.76 26.64 -16.62
N LEU B 29 15.32 25.92 -15.65
CA LEU B 29 14.53 25.31 -14.58
C LEU B 29 13.84 26.35 -13.68
N TYR B 30 14.48 27.49 -13.47
CA TYR B 30 13.97 28.52 -12.57
C TYR B 30 12.86 29.37 -13.17
N GLU B 31 12.45 29.05 -14.40
CA GLU B 31 11.47 29.87 -15.11
C GLU B 31 10.30 29.06 -15.67
N ASP B 32 10.58 27.84 -16.12
CA ASP B 32 9.57 27.05 -16.83
C ASP B 32 8.65 26.24 -15.92
N LEU B 33 8.93 26.23 -14.62
CA LEU B 33 8.08 25.52 -13.66
C LEU B 33 7.14 26.47 -12.94
N ARG B 34 7.43 27.77 -13.06
CA ARG B 34 6.64 28.80 -12.41
C ARG B 34 5.16 28.73 -12.78
N ASP B 35 4.89 28.43 -14.05
CA ASP B 35 3.51 28.31 -14.51
C ASP B 35 2.85 27.02 -14.04
N GLY B 36 3.66 26.11 -13.49
CA GLY B 36 3.15 24.88 -12.92
C GLY B 36 2.74 23.79 -13.90
N HIS B 37 2.53 24.15 -15.15
CA HIS B 37 2.05 23.19 -16.15
C HIS B 37 3.02 22.06 -16.42
N ASN B 38 4.32 22.38 -16.42
CA ASN B 38 5.36 21.39 -16.63
C ASN B 38 5.56 20.45 -15.43
N LEU B 39 5.14 20.92 -14.26
CA LEU B 39 5.26 20.14 -13.04
C LEU B 39 4.17 19.07 -12.96
N ILE B 40 2.94 19.48 -13.22
CA ILE B 40 1.81 18.56 -13.22
C ILE B 40 2.03 17.52 -14.33
N SER B 41 2.59 17.99 -15.44
CA SER B 41 2.93 17.12 -16.57
C SER B 41 3.95 16.07 -16.15
N LEU B 42 4.97 16.49 -15.40
CA LEU B 42 5.99 15.58 -14.90
C LEU B 42 5.38 14.52 -14.00
N LEU B 43 4.42 14.93 -13.17
CA LEU B 43 3.76 14.03 -12.24
C LEU B 43 2.87 13.04 -12.97
N GLU B 44 2.23 13.49 -14.04
CA GLU B 44 1.35 12.65 -14.85
C GLU B 44 2.12 11.49 -15.50
N VAL B 45 3.30 11.78 -16.04
CA VAL B 45 4.14 10.78 -16.68
C VAL B 45 4.72 9.79 -15.68
N LEU B 46 5.07 10.28 -14.48
CA LEU B 46 5.74 9.45 -13.50
C LEU B 46 4.81 8.56 -12.69
N SER B 47 3.51 8.75 -12.84
CA SER B 47 2.54 7.96 -12.07
C SER B 47 1.49 7.31 -12.96
N GLY B 48 1.25 7.89 -14.13
CA GLY B 48 0.26 7.36 -15.04
C GLY B 48 -1.14 7.90 -14.76
N ASP B 49 -1.31 8.56 -13.62
CA ASP B 49 -2.59 9.15 -13.27
C ASP B 49 -2.84 10.48 -13.99
N SER B 50 -4.11 10.83 -14.10
CA SER B 50 -4.50 12.10 -14.71
C SER B 50 -4.80 13.14 -13.64
N LEU B 51 -4.24 14.33 -13.81
CA LEU B 51 -4.45 15.43 -12.88
C LEU B 51 -5.19 16.59 -13.54
N PRO B 52 -5.96 17.35 -12.74
CA PRO B 52 -6.68 18.52 -13.25
C PRO B 52 -5.75 19.72 -13.36
N ARG B 53 -6.16 20.73 -14.13
CA ARG B 53 -5.38 21.94 -14.32
C ARG B 53 -6.27 23.17 -14.28
N GLU B 54 -5.70 24.32 -13.92
CA GLU B 54 -6.40 25.59 -14.05
C GLU B 54 -6.04 26.20 -15.40
N LYS B 55 -6.87 27.14 -15.86
CA LYS B 55 -6.90 27.46 -17.28
C LYS B 55 -6.35 28.85 -17.65
N GLY B 56 -6.16 29.72 -16.66
CA GLY B 56 -5.87 31.12 -16.92
C GLY B 56 -4.42 31.54 -17.09
N ARG B 57 -4.17 32.83 -16.91
CA ARG B 57 -2.85 33.40 -17.12
C ARG B 57 -2.32 34.17 -15.92
N MET B 58 -3.22 34.77 -15.15
CA MET B 58 -2.80 35.58 -14.01
C MET B 58 -2.37 34.73 -12.82
N ARG B 59 -1.52 35.31 -11.98
CA ARG B 59 -0.87 34.61 -10.87
C ARG B 59 -1.69 33.57 -10.10
N PHE B 60 -2.94 33.89 -9.77
CA PHE B 60 -3.74 32.98 -8.97
C PHE B 60 -4.05 31.67 -9.71
N HIS B 61 -3.90 31.69 -11.03
CA HIS B 61 -4.06 30.49 -11.84
C HIS B 61 -2.83 29.60 -11.75
N LYS B 62 -1.68 30.21 -11.47
CA LYS B 62 -0.43 29.48 -11.33
C LYS B 62 -0.27 28.89 -9.93
N LEU B 63 -0.61 29.68 -8.92
CA LEU B 63 -0.44 29.29 -7.52
C LEU B 63 -1.19 28.00 -7.20
N GLN B 64 -2.45 27.92 -7.61
CA GLN B 64 -3.26 26.73 -7.32
C GLN B 64 -2.80 25.53 -8.13
N ASN B 65 -2.46 25.76 -9.40
CA ASN B 65 -1.90 24.71 -10.26
C ASN B 65 -0.68 24.05 -9.64
N VAL B 66 0.16 24.87 -9.00
CA VAL B 66 1.30 24.37 -8.24
C VAL B 66 0.80 23.56 -7.05
N GLN B 67 -0.25 24.07 -6.39
CA GLN B 67 -0.80 23.43 -5.21
C GLN B 67 -1.46 22.09 -5.56
N ILE B 68 -2.11 22.03 -6.71
CA ILE B 68 -2.71 20.79 -7.18
C ILE B 68 -1.63 19.73 -7.34
N ALA B 69 -0.45 20.16 -7.79
CA ALA B 69 0.69 19.27 -7.89
C ALA B 69 1.21 18.89 -6.50
N LEU B 70 1.26 19.87 -5.60
CA LEU B 70 1.71 19.61 -4.24
C LEU B 70 0.72 18.76 -3.45
N ASP B 71 -0.57 18.99 -3.70
CA ASP B 71 -1.62 18.20 -3.05
C ASP B 71 -1.46 16.73 -3.42
N TYR B 72 -1.15 16.49 -4.69
CA TYR B 72 -0.96 15.13 -5.17
C TYR B 72 0.23 14.44 -4.51
N LEU B 73 1.30 15.19 -4.28
CA LEU B 73 2.45 14.64 -3.58
C LEU B 73 2.07 14.27 -2.15
N ARG B 74 1.47 15.21 -1.43
CA ARG B 74 1.02 14.95 -0.08
C ARG B 74 -0.01 13.83 -0.06
N HIS B 75 -0.73 13.68 -1.16
CA HIS B 75 -1.65 12.57 -1.34
C HIS B 75 -0.99 11.20 -1.46
N ARG B 76 0.22 11.22 -2.00
CA ARG B 76 1.11 10.07 -1.99
C ARG B 76 1.57 9.82 -0.55
N GLN B 77 1.31 10.78 0.33
CA GLN B 77 1.75 10.72 1.72
C GLN B 77 3.16 11.29 1.94
N VAL B 78 3.74 11.86 0.89
CA VAL B 78 5.05 12.49 1.00
C VAL B 78 5.00 13.71 1.90
N LYS B 79 6.04 13.90 2.70
CA LYS B 79 6.16 15.00 3.64
C LYS B 79 6.93 16.16 3.01
N LEU B 80 6.40 17.37 3.18
CA LEU B 80 7.00 18.57 2.62
C LEU B 80 7.11 19.64 3.71
N VAL B 81 8.33 20.09 3.99
CA VAL B 81 8.55 21.06 5.06
C VAL B 81 9.03 22.42 4.53
N ASN B 82 8.32 23.47 4.95
CA ASN B 82 8.60 24.84 4.54
C ASN B 82 8.78 25.03 3.04
N ILE B 83 7.77 24.62 2.28
CA ILE B 83 7.72 24.89 0.85
C ILE B 83 6.33 25.38 0.49
N ARG B 84 6.25 26.55 -0.13
CA ARG B 84 4.98 27.18 -0.41
C ARG B 84 4.69 27.29 -1.90
N ASN B 85 3.41 27.41 -2.24
CA ASN B 85 2.98 27.64 -3.61
C ASN B 85 3.63 28.91 -4.14
N ASP B 86 3.76 29.90 -3.27
CA ASP B 86 4.35 31.19 -3.59
C ASP B 86 5.74 31.06 -4.20
N ASP B 87 6.61 30.33 -3.51
CA ASP B 87 8.00 30.21 -3.89
C ASP B 87 8.18 29.57 -5.27
N ILE B 88 7.42 28.51 -5.54
CA ILE B 88 7.48 27.82 -6.82
C ILE B 88 7.05 28.74 -7.95
N ALA B 89 6.02 29.55 -7.67
CA ALA B 89 5.50 30.50 -8.65
C ALA B 89 6.44 31.68 -8.88
N ASP B 90 7.28 31.99 -7.90
CA ASP B 90 8.25 33.07 -8.03
C ASP B 90 9.63 32.57 -8.43
N GLY B 91 9.76 31.27 -8.64
CA GLY B 91 11.02 30.69 -9.07
C GLY B 91 12.11 30.73 -8.02
N ASN B 92 11.79 30.24 -6.82
CA ASN B 92 12.79 30.13 -5.76
C ASN B 92 13.81 29.05 -6.11
N PRO B 93 15.09 29.43 -6.17
CA PRO B 93 16.15 28.49 -6.54
C PRO B 93 16.25 27.26 -5.64
N LYS B 94 16.52 27.50 -4.35
CA LYS B 94 16.79 26.41 -3.40
C LYS B 94 15.59 25.48 -3.22
N LEU B 95 14.38 26.02 -3.32
CA LEU B 95 13.19 25.22 -3.11
C LEU B 95 12.73 24.47 -4.36
N THR B 96 12.96 25.06 -5.53
CA THR B 96 12.62 24.40 -6.79
C THR B 96 13.49 23.16 -6.98
N LEU B 97 14.76 23.31 -6.66
CA LEU B 97 15.70 22.20 -6.63
C LEU B 97 15.23 21.11 -5.70
N GLY B 98 14.91 21.50 -4.46
CA GLY B 98 14.49 20.57 -3.45
C GLY B 98 13.21 19.83 -3.78
N LEU B 99 12.32 20.49 -4.52
CA LEU B 99 11.05 19.86 -4.90
C LEU B 99 11.25 18.81 -5.97
N ILE B 100 12.08 19.14 -6.96
CA ILE B 100 12.41 18.19 -8.02
C ILE B 100 13.22 17.03 -7.45
N TRP B 101 14.05 17.33 -6.46
CA TRP B 101 14.83 16.30 -5.78
C TRP B 101 13.93 15.38 -4.95
N THR B 102 12.89 15.96 -4.36
CA THR B 102 11.90 15.20 -3.59
C THR B 102 11.17 14.22 -4.49
N ILE B 103 10.84 14.69 -5.69
CA ILE B 103 10.20 13.84 -6.69
C ILE B 103 11.12 12.70 -7.10
N ILE B 104 12.39 13.01 -7.33
CA ILE B 104 13.38 12.02 -7.72
C ILE B 104 13.53 10.94 -6.66
N LEU B 105 13.62 11.38 -5.42
CA LEU B 105 13.71 10.49 -4.27
C LEU B 105 12.50 9.57 -4.19
N HIS B 106 11.34 10.10 -4.56
CA HIS B 106 10.11 9.32 -4.48
C HIS B 106 9.93 8.39 -5.69
N PHE B 107 10.18 8.91 -6.88
CA PHE B 107 9.81 8.17 -8.09
C PHE B 107 10.93 7.35 -8.72
N GLN B 108 12.16 7.56 -8.27
CA GLN B 108 13.29 6.84 -8.84
C GLN B 108 14.06 6.06 -7.80
N ILE B 109 14.09 6.57 -6.58
CA ILE B 109 14.82 5.91 -5.51
C ILE B 109 13.89 5.46 -4.37
N SER B 110 12.64 5.17 -4.69
CA SER B 110 11.77 4.52 -3.71
C SER B 110 12.09 3.04 -3.72
N ASP B 111 12.30 2.51 -4.92
CA ASP B 111 12.52 1.09 -5.10
C ASP B 111 14.00 0.74 -5.14
N ILE B 112 14.57 0.48 -3.97
CA ILE B 112 15.90 -0.10 -3.88
C ILE B 112 15.82 -1.32 -2.96
N GLN B 113 16.04 -2.50 -3.55
CA GLN B 113 16.05 -3.75 -2.78
C GLN B 113 17.41 -4.41 -2.91
N VAL B 114 18.08 -4.60 -1.78
CA VAL B 114 19.41 -5.22 -1.76
C VAL B 114 19.42 -6.48 -0.90
N SER B 115 20.53 -7.19 -0.92
CA SER B 115 20.69 -8.41 -0.14
C SER B 115 20.67 -8.11 1.36
N GLY B 116 19.59 -8.52 2.01
CA GLY B 116 19.42 -8.32 3.44
C GLY B 116 19.46 -6.86 3.86
N GLN B 117 18.54 -6.07 3.31
CA GLN B 117 18.42 -4.67 3.70
C GLN B 117 17.80 -4.76 5.10
N SER B 118 18.44 -4.13 6.07
CA SER B 118 17.79 -3.99 7.39
C SER B 118 16.80 -2.84 7.17
N GLU B 119 15.51 -3.17 7.24
CA GLU B 119 14.45 -2.35 6.65
C GLU B 119 14.33 -0.84 6.92
N ASP B 120 14.93 -0.38 8.01
CA ASP B 120 14.88 1.04 8.38
C ASP B 120 15.71 1.92 7.45
N MET B 121 16.76 1.34 6.85
CA MET B 121 17.70 2.09 6.00
C MET B 121 17.03 3.01 5.00
N THR B 122 17.46 4.27 4.99
CA THR B 122 16.97 5.24 4.03
C THR B 122 17.35 4.82 2.62
N ALA B 123 16.60 5.29 1.64
CA ALA B 123 16.83 4.94 0.24
C ALA B 123 18.26 5.17 -0.21
N LYS B 124 18.85 6.29 0.23
CA LYS B 124 20.22 6.65 -0.10
C LYS B 124 21.19 5.57 0.37
N GLU B 125 20.99 5.08 1.58
CA GLU B 125 21.86 4.07 2.15
C GLU B 125 21.79 2.76 1.38
N LYS B 126 20.58 2.33 1.07
CA LYS B 126 20.38 1.06 0.37
C LYS B 126 21.12 1.05 -0.96
N LEU B 127 21.09 2.18 -1.67
CA LEU B 127 21.75 2.29 -2.97
C LEU B 127 23.27 2.30 -2.81
N LEU B 128 23.75 2.79 -1.68
CA LEU B 128 25.17 2.76 -1.37
C LEU B 128 25.61 1.34 -1.05
N LEU B 129 24.71 0.59 -0.40
CA LEU B 129 24.97 -0.81 -0.09
C LEU B 129 25.00 -1.64 -1.37
N TRP B 130 24.24 -1.21 -2.37
CA TRP B 130 24.19 -1.91 -3.65
C TRP B 130 25.47 -1.69 -4.47
N SER B 131 25.95 -0.46 -4.50
CA SER B 131 27.15 -0.13 -5.27
C SER B 131 28.35 -0.87 -4.72
N GLN B 132 28.42 -0.97 -3.39
CA GLN B 132 29.50 -1.69 -2.71
C GLN B 132 29.32 -3.20 -2.83
N ARG B 133 28.22 -3.63 -3.46
CA ARG B 133 27.95 -5.06 -3.65
C ARG B 133 28.41 -5.48 -5.03
N MET B 134 28.24 -4.60 -6.01
CA MET B 134 28.63 -4.89 -7.38
C MET B 134 30.16 -4.90 -7.52
N VAL B 135 30.80 -3.91 -6.90
CA VAL B 135 32.24 -3.73 -7.03
C VAL B 135 33.04 -4.49 -5.97
N GLU B 136 32.45 -5.55 -5.42
CA GLU B 136 33.04 -6.35 -4.31
C GLU B 136 34.35 -7.18 -4.46
N GLY B 137 34.48 -7.96 -5.54
CA GLY B 137 35.72 -8.66 -5.84
C GLY B 137 36.66 -7.98 -6.82
N TYR B 138 36.76 -6.65 -6.74
CA TYR B 138 37.67 -5.89 -7.59
C TYR B 138 38.85 -5.33 -6.80
N GLN B 139 40.03 -5.40 -7.40
CA GLN B 139 41.27 -5.01 -6.72
C GLN B 139 41.48 -3.50 -6.65
N GLY B 140 41.43 -2.97 -5.43
CA GLY B 140 41.83 -1.59 -5.20
C GLY B 140 40.82 -0.50 -5.50
N LEU B 141 39.58 -0.67 -5.03
CA LEU B 141 38.57 0.39 -5.09
C LEU B 141 37.41 0.15 -4.14
N ARG B 142 36.91 1.22 -3.53
CA ARG B 142 35.84 1.12 -2.54
C ARG B 142 34.84 2.25 -2.65
N CYS B 143 33.59 1.97 -2.29
CA CYS B 143 32.51 2.93 -2.41
C CYS B 143 32.03 3.39 -1.03
N ASP B 144 32.78 4.31 -0.44
CA ASP B 144 32.50 4.79 0.91
C ASP B 144 31.48 5.93 0.92
N ASN B 145 31.39 6.65 -0.20
CA ASN B 145 30.39 7.70 -0.35
C ASN B 145 29.99 7.87 -1.82
N PHE B 146 29.02 8.75 -2.08
CA PHE B 146 28.51 8.91 -3.44
C PHE B 146 29.24 9.95 -4.29
N THR B 147 30.27 10.59 -3.73
CA THR B 147 30.91 11.69 -4.46
C THR B 147 32.39 11.46 -4.80
N SER B 148 33.25 11.65 -3.80
CA SER B 148 34.69 11.59 -4.02
C SER B 148 35.16 10.20 -4.46
N SER B 149 34.40 9.17 -4.11
CA SER B 149 34.77 7.80 -4.45
C SER B 149 34.52 7.49 -5.92
N TRP B 150 33.83 8.40 -6.59
CA TRP B 150 33.45 8.22 -7.99
C TRP B 150 34.20 9.21 -8.88
N ARG B 151 35.08 9.99 -8.26
CA ARG B 151 35.87 11.02 -8.94
C ARG B 151 36.73 10.43 -10.06
N ASP B 152 37.14 9.18 -9.88
CA ASP B 152 37.94 8.48 -10.89
C ASP B 152 37.07 7.76 -11.92
N GLY B 153 35.83 7.46 -11.54
CA GLY B 153 34.90 6.79 -12.42
C GLY B 153 35.16 5.31 -12.56
N ARG B 154 36.14 4.82 -11.82
CA ARG B 154 36.45 3.39 -11.77
C ARG B 154 35.21 2.62 -11.31
N LEU B 155 34.47 3.23 -10.39
CA LEU B 155 33.23 2.64 -9.88
C LEU B 155 32.18 2.54 -10.98
N PHE B 156 32.12 3.54 -11.85
CA PHE B 156 31.20 3.53 -12.98
C PHE B 156 31.43 2.32 -13.88
N ASN B 157 32.64 2.18 -14.41
CA ASN B 157 32.96 1.06 -15.28
C ASN B 157 32.80 -0.30 -14.60
N ALA B 158 33.11 -0.34 -13.30
CA ALA B 158 33.04 -1.59 -12.54
C ALA B 158 31.61 -2.13 -12.48
N ILE B 159 30.67 -1.23 -12.20
CA ILE B 159 29.26 -1.61 -12.14
C ILE B 159 28.77 -2.06 -13.52
N ILE B 160 29.27 -1.40 -14.57
CA ILE B 160 28.94 -1.80 -15.93
C ILE B 160 29.57 -3.15 -16.25
N HIS B 161 30.82 -3.34 -15.82
CA HIS B 161 31.54 -4.57 -16.07
C HIS B 161 30.89 -5.76 -15.38
N ARG B 162 30.40 -5.54 -14.16
CA ARG B 162 29.81 -6.59 -13.37
C ARG B 162 28.58 -7.21 -14.03
N HIS B 163 27.73 -6.37 -14.59
CA HIS B 163 26.50 -6.84 -15.24
C HIS B 163 26.79 -7.27 -16.68
N LYS B 164 27.81 -6.67 -17.29
CA LYS B 164 28.16 -6.94 -18.68
C LYS B 164 29.67 -6.92 -18.90
N PRO B 165 30.35 -8.04 -18.61
CA PRO B 165 31.81 -8.13 -18.68
C PRO B 165 32.34 -8.09 -20.11
N LEU B 166 31.47 -8.32 -21.09
CA LEU B 166 31.86 -8.27 -22.49
C LEU B 166 31.78 -6.85 -23.04
N LEU B 167 31.68 -5.87 -22.13
CA LEU B 167 31.52 -4.48 -22.52
C LEU B 167 32.66 -3.60 -21.99
N ILE B 168 33.27 -4.01 -20.89
CA ILE B 168 34.30 -3.18 -20.28
C ILE B 168 35.64 -3.91 -20.09
N ASP B 169 36.69 -3.36 -20.69
CA ASP B 169 38.04 -3.83 -20.43
C ASP B 169 38.45 -3.30 -19.07
N MET B 170 38.22 -4.10 -18.03
CA MET B 170 38.49 -3.67 -16.66
C MET B 170 39.98 -3.43 -16.43
N ASN B 171 40.82 -4.06 -17.26
CA ASN B 171 42.26 -3.84 -17.16
C ASN B 171 42.66 -2.42 -17.54
N LYS B 172 42.04 -1.89 -18.59
CA LYS B 172 42.37 -0.56 -19.10
C LYS B 172 42.02 0.56 -18.13
N VAL B 173 40.77 0.57 -17.67
CA VAL B 173 40.25 1.67 -16.86
C VAL B 173 41.08 1.95 -15.61
N TYR B 174 41.91 0.98 -15.23
CA TYR B 174 42.85 1.14 -14.12
C TYR B 174 43.99 2.10 -14.47
N ARG B 175 44.32 2.16 -15.76
CA ARG B 175 45.52 2.89 -16.19
C ARG B 175 45.26 4.11 -17.08
N GLN B 176 43.99 4.42 -17.33
CA GLN B 176 43.66 5.65 -18.06
C GLN B 176 43.05 6.68 -17.10
N THR B 177 43.04 7.93 -17.54
CA THR B 177 42.55 9.02 -16.69
C THR B 177 41.08 8.87 -16.33
N ASN B 178 40.62 9.72 -15.43
CA ASN B 178 39.21 9.73 -15.05
C ASN B 178 38.35 10.11 -16.24
N LEU B 179 38.80 11.14 -16.96
CA LEU B 179 38.07 11.69 -18.11
C LEU B 179 37.75 10.63 -19.16
N GLU B 180 38.73 9.81 -19.51
CA GLU B 180 38.52 8.71 -20.45
C GLU B 180 37.61 7.67 -19.83
N ASN B 181 37.80 7.41 -18.54
CA ASN B 181 36.98 6.47 -17.80
C ASN B 181 35.52 6.91 -17.76
N LEU B 182 35.31 8.17 -17.39
CA LEU B 182 33.96 8.73 -17.27
C LEU B 182 33.21 8.76 -18.61
N ASP B 183 33.90 9.14 -19.67
CA ASP B 183 33.29 9.21 -20.99
C ASP B 183 32.90 7.82 -21.50
N GLN B 184 33.79 6.87 -21.27
CA GLN B 184 33.56 5.50 -21.72
C GLN B 184 32.35 4.88 -21.01
N ALA B 185 32.26 5.07 -19.70
CA ALA B 185 31.18 4.50 -18.91
C ALA B 185 29.82 5.04 -19.35
N PHE B 186 29.77 6.34 -19.61
CA PHE B 186 28.54 6.99 -20.05
C PHE B 186 28.17 6.56 -21.47
N SER B 187 29.19 6.39 -22.31
CA SER B 187 28.99 5.95 -23.68
C SER B 187 28.36 4.57 -23.75
N VAL B 188 28.99 3.62 -23.05
CA VAL B 188 28.52 2.25 -22.99
C VAL B 188 27.09 2.19 -22.42
N ALA B 189 26.85 2.98 -21.38
CA ALA B 189 25.56 2.98 -20.71
C ALA B 189 24.45 3.60 -21.55
N GLU B 190 24.82 4.51 -22.46
CA GLU B 190 23.81 5.15 -23.31
C GLU B 190 23.40 4.26 -24.48
N ARG B 191 24.37 3.69 -25.18
CA ARG B 191 24.10 2.92 -26.39
C ARG B 191 23.66 1.49 -26.11
N ASP B 192 24.13 0.92 -24.99
CA ASP B 192 23.91 -0.49 -24.71
C ASP B 192 22.90 -0.75 -23.58
N LEU B 193 22.78 0.19 -22.66
CA LEU B 193 21.86 0.02 -21.54
C LEU B 193 20.71 1.02 -21.57
N GLY B 194 20.68 1.86 -22.59
CA GLY B 194 19.56 2.76 -22.83
C GLY B 194 19.44 3.97 -21.92
N VAL B 195 20.26 4.03 -20.88
CA VAL B 195 20.23 5.15 -19.94
C VAL B 195 20.71 6.45 -20.60
N THR B 196 20.47 7.57 -19.93
CA THR B 196 20.78 8.87 -20.49
C THR B 196 21.89 9.61 -19.75
N ARG B 197 22.76 10.30 -20.48
CA ARG B 197 23.96 10.82 -19.86
C ARG B 197 23.65 12.08 -19.07
N LEU B 198 23.11 11.85 -17.87
CA LEU B 198 22.75 12.91 -16.94
C LEU B 198 24.01 13.64 -16.47
N LEU B 199 25.04 12.86 -16.19
CA LEU B 199 26.32 13.41 -15.76
C LEU B 199 27.26 13.58 -16.95
N ASP B 200 28.13 14.58 -16.87
CA ASP B 200 29.15 14.81 -17.89
C ASP B 200 30.55 14.72 -17.27
N PRO B 201 31.55 14.26 -18.05
CA PRO B 201 32.90 13.99 -17.54
C PRO B 201 33.52 15.12 -16.72
N GLU B 202 33.54 16.33 -17.28
CA GLU B 202 34.16 17.47 -16.63
C GLU B 202 33.47 17.85 -15.32
N ASP B 203 32.19 17.52 -15.22
CA ASP B 203 31.40 17.84 -14.03
C ASP B 203 31.81 16.98 -12.83
N VAL B 204 32.04 15.70 -13.07
CA VAL B 204 32.31 14.76 -11.99
C VAL B 204 33.78 14.81 -11.55
N ASP B 205 34.67 14.98 -12.52
CA ASP B 205 36.10 15.04 -12.25
C ASP B 205 36.46 16.29 -11.47
N VAL B 206 36.05 16.30 -10.20
CA VAL B 206 36.34 17.41 -9.30
C VAL B 206 36.51 16.80 -7.92
N PRO B 207 37.21 17.51 -7.01
CA PRO B 207 37.39 16.97 -5.66
C PRO B 207 36.07 16.77 -4.91
N GLN B 208 35.07 17.61 -5.21
CA GLN B 208 33.78 17.52 -4.53
C GLN B 208 32.59 17.72 -5.46
N PRO B 209 32.22 16.66 -6.20
CA PRO B 209 31.07 16.72 -7.10
C PRO B 209 29.73 16.79 -6.37
N ASP B 210 28.65 16.83 -7.13
CA ASP B 210 27.31 16.95 -6.55
C ASP B 210 26.72 15.59 -6.18
N GLU B 211 26.34 15.44 -4.92
CA GLU B 211 25.83 14.17 -4.43
C GLU B 211 24.51 13.79 -5.07
N LYS B 212 23.50 14.65 -4.93
CA LYS B 212 22.17 14.38 -5.45
C LYS B 212 22.16 14.20 -6.96
N SER B 213 23.23 14.66 -7.62
CA SER B 213 23.40 14.45 -9.05
C SER B 213 23.93 13.06 -9.33
N ILE B 214 25.00 12.67 -8.62
CA ILE B 214 25.59 11.35 -8.80
C ILE B 214 24.57 10.26 -8.52
N ILE B 215 23.97 10.32 -7.33
CA ILE B 215 22.95 9.36 -6.90
C ILE B 215 21.88 9.16 -7.97
N THR B 216 21.40 10.26 -8.53
CA THR B 216 20.37 10.24 -9.56
C THR B 216 20.75 9.34 -10.72
N TYR B 217 22.00 9.45 -11.18
CA TYR B 217 22.48 8.63 -12.29
C TYR B 217 22.67 7.17 -11.89
N VAL B 218 23.21 6.97 -10.70
CA VAL B 218 23.44 5.62 -10.16
C VAL B 218 22.12 4.87 -10.07
N SER B 219 21.07 5.55 -9.61
CA SER B 219 19.76 4.94 -9.53
C SER B 219 19.24 4.62 -10.92
N SER B 220 19.50 5.53 -11.88
CA SER B 220 19.07 5.32 -13.25
C SER B 220 19.93 4.21 -13.85
N LEU B 221 21.16 4.11 -13.37
CA LEU B 221 22.07 3.06 -13.77
C LEU B 221 21.61 1.74 -13.15
N TYR B 222 21.06 1.82 -11.95
CA TYR B 222 20.57 0.67 -11.20
C TYR B 222 19.33 0.04 -11.84
N ASP B 223 18.48 0.88 -12.43
CA ASP B 223 17.24 0.39 -13.04
C ASP B 223 17.49 -0.37 -14.33
N ALA B 224 18.60 -0.05 -15.00
CA ALA B 224 18.98 -0.73 -16.24
C ALA B 224 19.53 -2.12 -15.96
N MET B 225 19.57 -2.50 -14.69
CA MET B 225 20.03 -3.81 -14.28
C MET B 225 18.85 -4.70 -13.92
N PRO B 226 18.70 -5.82 -14.64
CA PRO B 226 17.62 -6.77 -14.38
C PRO B 226 17.76 -7.43 -13.01
N ASP C 1 -41.30 17.43 -8.18
CA ASP C 1 -39.98 16.81 -8.09
C ASP C 1 -39.36 17.07 -6.71
N LEU C 2 -38.55 16.13 -6.25
CA LEU C 2 -37.95 16.23 -4.92
C LEU C 2 -37.09 17.47 -4.76
N GLY C 3 -37.45 18.32 -3.80
CA GLY C 3 -36.69 19.52 -3.53
C GLY C 3 -35.45 19.22 -2.72
N ALA C 4 -34.69 20.27 -2.38
CA ALA C 4 -33.49 20.11 -1.56
C ALA C 4 -33.85 20.14 -0.08
N PRO C 5 -33.22 19.26 0.71
CA PRO C 5 -33.40 19.20 2.16
C PRO C 5 -33.16 20.56 2.79
N GLN C 6 -33.98 20.95 3.76
CA GLN C 6 -33.90 22.27 4.36
C GLN C 6 -33.48 22.20 5.83
N ASN C 7 -32.98 23.33 6.33
CA ASN C 7 -32.53 23.45 7.71
C ASN C 7 -31.55 22.35 8.12
N PRO C 8 -30.34 22.36 7.55
CA PRO C 8 -29.35 21.35 7.94
C PRO C 8 -28.66 21.75 9.24
N ASN C 9 -28.35 20.76 10.07
CA ASN C 9 -27.79 21.02 11.39
C ASN C 9 -26.93 19.86 11.84
N ALA C 10 -25.77 20.16 12.42
CA ALA C 10 -24.85 19.13 12.88
C ALA C 10 -24.11 19.53 14.15
N LYS C 11 -24.17 18.67 15.16
CA LYS C 11 -23.53 18.93 16.45
C LYS C 11 -22.45 17.89 16.75
N ALA C 12 -21.60 18.19 17.71
CA ALA C 12 -20.62 17.23 18.19
C ALA C 12 -21.36 16.14 18.96
N ALA C 13 -20.96 14.89 18.77
CA ALA C 13 -21.64 13.77 19.42
C ALA C 13 -20.68 12.93 20.26
N GLY C 14 -19.40 13.24 20.14
CA GLY C 14 -18.36 12.50 20.85
C GLY C 14 -17.00 12.82 20.27
N SER C 15 -15.99 12.06 20.69
CA SER C 15 -14.63 12.30 20.23
C SER C 15 -14.43 11.79 18.80
N ARG C 16 -15.32 10.92 18.36
CA ARG C 16 -15.22 10.29 17.05
C ARG C 16 -16.49 10.46 16.24
N LYS C 17 -17.52 11.04 16.85
CA LYS C 17 -18.84 11.05 16.23
C LYS C 17 -19.46 12.43 16.03
N ILE C 18 -20.20 12.59 14.94
CA ILE C 18 -20.98 13.80 14.67
C ILE C 18 -22.41 13.44 14.26
N HIS C 19 -23.39 14.07 14.92
CA HIS C 19 -24.78 13.85 14.58
C HIS C 19 -25.24 14.90 13.55
N PHE C 20 -25.86 14.42 12.48
CA PHE C 20 -26.27 15.31 11.39
C PHE C 20 -27.71 15.02 10.98
N ASN C 21 -28.51 16.08 10.92
CA ASN C 21 -29.93 15.97 10.57
C ASN C 21 -30.41 17.12 9.68
N TRP C 22 -31.61 16.97 9.14
CA TRP C 22 -32.19 17.97 8.25
C TRP C 22 -33.70 17.84 8.22
N LEU C 23 -34.36 18.72 7.47
CA LEU C 23 -35.81 18.67 7.31
C LEU C 23 -36.21 18.16 5.94
N PRO C 24 -37.07 17.12 5.91
CA PRO C 24 -37.53 16.47 4.68
C PRO C 24 -38.20 17.43 3.70
N PRO C 25 -37.86 17.33 2.40
CA PRO C 25 -38.56 18.07 1.35
C PRO C 25 -39.89 17.40 1.02
N SER C 26 -40.77 18.10 0.31
CA SER C 26 -42.09 17.58 0.00
C SER C 26 -42.04 16.41 -0.97
N GLY C 27 -42.88 15.40 -0.72
CA GLY C 27 -42.95 14.23 -1.58
C GLY C 27 -42.63 12.92 -0.87
N LYS C 28 -42.22 11.92 -1.63
CA LYS C 28 -41.84 10.62 -1.06
C LYS C 28 -40.35 10.39 -1.18
N PRO C 29 -39.60 10.57 -0.09
CA PRO C 29 -38.18 10.26 -0.10
C PRO C 29 -37.91 8.80 0.27
N MET C 30 -37.42 8.01 -0.69
CA MET C 30 -37.01 6.64 -0.39
C MET C 30 -35.91 6.71 0.65
N GLY C 31 -34.93 7.55 0.40
CA GLY C 31 -33.82 7.74 1.31
C GLY C 31 -33.08 9.04 1.05
N TYR C 32 -31.92 9.18 1.69
CA TYR C 32 -31.10 10.38 1.52
C TYR C 32 -29.62 9.99 1.36
N ARG C 33 -28.83 10.91 0.82
CA ARG C 33 -27.40 10.70 0.65
C ARG C 33 -26.62 11.87 1.25
N VAL C 34 -25.56 11.57 1.99
CA VAL C 34 -24.77 12.60 2.65
C VAL C 34 -23.32 12.60 2.18
N LYS C 35 -22.86 13.74 1.70
CA LYS C 35 -21.45 13.93 1.40
C LYS C 35 -20.78 14.67 2.55
N TYR C 36 -19.78 14.05 3.16
CA TYR C 36 -19.04 14.72 4.23
C TYR C 36 -17.53 14.59 4.02
N TRP C 37 -16.79 15.58 4.49
CA TRP C 37 -15.35 15.63 4.30
C TRP C 37 -14.70 16.55 5.33
N ILE C 38 -13.40 16.77 5.17
CA ILE C 38 -12.63 17.62 6.07
C ILE C 38 -12.39 18.97 5.40
N GLN C 39 -12.23 20.04 6.19
CA GLN C 39 -12.09 21.39 5.67
C GLN C 39 -10.95 21.56 4.66
N GLY C 40 -11.28 22.13 3.50
CA GLY C 40 -10.29 22.41 2.48
C GLY C 40 -9.64 21.17 1.90
N ASP C 41 -10.32 20.04 2.05
CA ASP C 41 -9.82 18.77 1.52
C ASP C 41 -9.87 18.77 0.01
N SER C 42 -9.44 17.67 -0.58
CA SER C 42 -9.68 17.43 -1.99
C SER C 42 -11.11 16.90 -2.05
N GLU C 43 -12.07 17.77 -2.34
CA GLU C 43 -13.48 17.35 -2.35
C GLU C 43 -13.79 16.30 -3.42
N SER C 44 -12.81 16.02 -4.26
CA SER C 44 -12.86 14.86 -5.13
C SER C 44 -12.82 13.63 -4.24
N GLU C 45 -12.10 13.75 -3.13
CA GLU C 45 -12.02 12.69 -2.14
C GLU C 45 -12.94 13.04 -0.98
N ALA C 46 -14.24 12.85 -1.16
CA ALA C 46 -15.21 13.01 -0.09
C ALA C 46 -15.77 11.65 0.30
N HIS C 47 -16.35 11.54 1.48
CA HIS C 47 -16.89 10.25 1.92
C HIS C 47 -18.41 10.19 1.77
N LEU C 48 -18.89 9.14 1.12
CA LEU C 48 -20.32 9.00 0.88
C LEU C 48 -20.96 8.07 1.90
N LEU C 49 -22.25 8.28 2.15
CA LEU C 49 -22.98 7.58 3.19
C LEU C 49 -24.47 7.68 2.89
N ASP C 50 -25.25 6.69 3.34
CA ASP C 50 -26.66 6.65 2.99
C ASP C 50 -27.58 6.37 4.18
N SER C 51 -28.67 7.13 4.27
CA SER C 51 -29.65 6.96 5.33
C SER C 51 -31.08 7.20 4.82
N LYS C 52 -31.96 6.25 5.09
CA LYS C 52 -33.36 6.33 4.68
C LYS C 52 -34.18 7.17 5.68
N VAL C 53 -33.47 7.76 6.64
CA VAL C 53 -34.06 8.71 7.57
C VAL C 53 -33.22 9.97 7.47
N PRO C 54 -33.83 11.12 7.74
CA PRO C 54 -33.09 12.37 7.61
C PRO C 54 -32.27 12.52 8.87
N SER C 55 -31.33 11.59 9.03
CA SER C 55 -30.36 11.66 10.11
C SER C 55 -29.23 10.68 9.84
N VAL C 56 -28.10 10.90 10.49
CA VAL C 56 -26.98 9.97 10.45
C VAL C 56 -25.96 10.28 11.52
N GLU C 57 -25.14 9.31 11.90
CA GLU C 57 -24.10 9.54 12.89
C GLU C 57 -22.73 9.24 12.28
N LEU C 58 -22.00 10.31 11.94
CA LEU C 58 -20.71 10.18 11.27
C LEU C 58 -19.66 9.49 12.15
N THR C 59 -19.02 8.46 11.61
CA THR C 59 -18.11 7.61 12.38
C THR C 59 -16.68 7.73 11.81
N ASN C 60 -15.71 7.22 12.56
CA ASN C 60 -14.30 7.28 12.16
C ASN C 60 -13.72 8.68 11.90
N LEU C 61 -14.06 9.64 12.75
CA LEU C 61 -13.55 11.00 12.60
C LEU C 61 -12.26 11.24 13.37
N TYR C 62 -11.54 12.29 12.99
CA TYR C 62 -10.40 12.75 13.77
C TYR C 62 -10.96 13.61 14.89
N PRO C 63 -10.25 13.69 16.03
CA PRO C 63 -10.64 14.65 17.06
C PRO C 63 -10.13 16.05 16.74
N TYR C 64 -10.87 17.08 17.14
CA TYR C 64 -10.55 18.47 16.84
C TYR C 64 -10.27 18.65 15.35
N CYS C 65 -11.34 18.71 14.58
CA CYS C 65 -11.25 18.72 13.13
C CYS C 65 -12.52 19.28 12.49
N ASP C 66 -12.38 20.40 11.79
CA ASP C 66 -13.53 21.03 11.15
C ASP C 66 -14.04 20.17 10.00
N TYR C 67 -15.31 19.80 10.07
CA TYR C 67 -15.95 19.02 9.01
C TYR C 67 -16.97 19.84 8.22
N GLU C 68 -17.12 19.51 6.93
CA GLU C 68 -18.13 20.13 6.11
C GLU C 68 -19.01 19.04 5.52
N MET C 69 -20.26 19.38 5.20
CA MET C 69 -21.21 18.37 4.76
C MET C 69 -22.45 18.94 4.10
N LYS C 70 -23.15 18.09 3.36
CA LYS C 70 -24.45 18.41 2.77
C LYS C 70 -25.22 17.13 2.46
N VAL C 71 -26.47 17.26 2.04
CA VAL C 71 -27.34 16.09 1.87
C VAL C 71 -28.47 16.32 0.87
N CYS C 72 -28.75 15.32 0.04
CA CYS C 72 -29.89 15.39 -0.88
C CYS C 72 -30.93 14.32 -0.54
N ALA C 73 -32.04 14.33 -1.26
CA ALA C 73 -33.07 13.32 -1.10
C ALA C 73 -33.29 12.58 -2.40
N TYR C 74 -33.48 11.27 -2.35
CA TYR C 74 -33.72 10.51 -3.57
C TYR C 74 -34.92 9.58 -3.47
N GLY C 75 -35.79 9.66 -4.48
CA GLY C 75 -36.97 8.83 -4.53
C GLY C 75 -36.96 7.99 -5.79
N ALA C 76 -38.11 7.93 -6.45
CA ALA C 76 -38.25 7.18 -7.68
C ALA C 76 -37.90 8.06 -8.88
N GLN C 77 -37.69 9.35 -8.64
CA GLN C 77 -37.41 10.30 -9.71
C GLN C 77 -35.93 10.70 -9.73
N GLY C 78 -35.08 9.88 -9.14
CA GLY C 78 -33.66 10.18 -9.04
C GLY C 78 -33.39 11.15 -7.91
N GLU C 79 -32.12 11.44 -7.66
CA GLU C 79 -31.73 12.37 -6.61
C GLU C 79 -32.29 13.76 -6.87
N GLY C 80 -32.30 14.59 -5.83
CA GLY C 80 -32.72 15.98 -5.96
C GLY C 80 -31.52 16.89 -5.88
N PRO C 81 -31.74 18.17 -5.54
CA PRO C 81 -30.62 19.08 -5.32
C PRO C 81 -30.06 18.92 -3.91
N TYR C 82 -28.80 19.26 -3.71
CA TYR C 82 -28.16 19.07 -2.41
C TYR C 82 -28.52 20.15 -1.40
N SER C 83 -28.39 19.83 -0.12
CA SER C 83 -28.73 20.76 0.95
C SER C 83 -27.71 21.89 1.00
N SER C 84 -28.02 22.90 1.80
CA SER C 84 -27.08 23.97 2.07
C SER C 84 -25.95 23.36 2.89
N LEU C 85 -24.75 23.94 2.81
CA LEU C 85 -23.60 23.39 3.53
C LEU C 85 -23.66 23.71 5.02
N VAL C 86 -23.22 22.76 5.83
CA VAL C 86 -23.13 22.97 7.28
C VAL C 86 -21.77 22.53 7.80
N SER C 87 -21.11 23.42 8.54
CA SER C 87 -19.81 23.13 9.08
C SER C 87 -19.87 22.92 10.60
N CYS C 88 -19.28 21.82 11.06
CA CYS C 88 -19.25 21.50 12.49
C CYS C 88 -17.91 20.90 12.90
N ARG C 89 -17.30 21.47 13.93
CA ARG C 89 -16.02 20.97 14.43
C ARG C 89 -16.26 19.93 15.52
N THR C 90 -15.56 18.81 15.43
CA THR C 90 -15.74 17.69 16.36
C THR C 90 -15.13 17.98 17.73
N HIS C 91 -15.35 17.05 18.67
CA HIS C 91 -14.80 17.17 20.02
C HIS C 91 -13.32 16.84 20.04
N GLN C 92 -12.63 17.38 21.05
CA GLN C 92 -11.23 17.05 21.34
C GLN C 92 -11.07 15.77 22.19
N GLU C 93 -9.86 15.21 22.24
CA GLU C 93 -9.59 14.02 23.03
C GLU C 93 -8.16 14.05 23.54
N VAL C 94 -7.95 13.43 24.70
CA VAL C 94 -6.63 13.17 25.24
C VAL C 94 -5.59 12.86 24.15
N PRO C 95 -4.53 13.68 24.09
CA PRO C 95 -3.56 13.58 22.99
C PRO C 95 -2.59 12.41 23.18
N SER C 96 -2.07 11.88 22.07
CA SER C 96 -1.14 10.76 22.13
C SER C 96 0.17 11.18 22.78
N GLU C 97 1.03 10.21 23.04
CA GLU C 97 2.30 10.44 23.73
C GLU C 97 3.16 11.47 23.01
N PRO C 98 3.91 12.28 23.78
CA PRO C 98 4.89 13.21 23.22
C PRO C 98 5.99 12.43 22.50
N GLY C 99 6.80 13.12 21.70
CA GLY C 99 7.89 12.47 21.00
C GLY C 99 8.93 11.90 21.95
N ARG C 100 9.90 11.17 21.39
CA ARG C 100 10.96 10.58 22.20
C ARG C 100 11.83 11.68 22.84
N LEU C 101 11.99 11.61 24.15
CA LEU C 101 12.80 12.59 24.89
C LEU C 101 14.25 12.55 24.44
N ALA C 102 14.63 13.53 23.62
CA ALA C 102 16.02 13.67 23.17
C ALA C 102 16.82 14.42 24.22
N PHE C 103 18.13 14.22 24.22
CA PHE C 103 18.98 14.77 25.28
C PHE C 103 20.20 15.52 24.76
N ASN C 104 20.66 16.49 25.55
CA ASN C 104 21.82 17.29 25.19
C ASN C 104 22.94 17.11 26.19
N VAL C 105 24.18 17.21 25.73
CA VAL C 105 25.35 16.94 26.58
C VAL C 105 25.81 18.19 27.32
N VAL C 106 25.98 18.06 28.63
CA VAL C 106 26.54 19.07 29.51
C VAL C 106 27.12 18.45 30.78
N SER C 107 27.73 19.24 31.66
CA SER C 107 28.36 18.74 32.88
C SER C 107 27.51 17.86 33.79
N SER C 108 28.11 16.81 34.35
CA SER C 108 27.38 15.75 35.07
C SER C 108 26.23 16.22 35.99
N THR C 109 26.40 17.35 36.66
CA THR C 109 25.34 17.87 37.53
C THR C 109 24.21 18.50 36.72
N VAL C 110 24.57 19.13 35.61
CA VAL C 110 23.62 19.81 34.76
C VAL C 110 23.07 18.84 33.69
N THR C 111 21.80 18.98 33.34
CA THR C 111 21.22 18.19 32.27
C THR C 111 20.18 18.97 31.46
N GLN C 112 20.13 18.73 30.16
CA GLN C 112 19.17 19.40 29.30
C GLN C 112 18.27 18.40 28.59
N LEU C 113 16.98 18.43 28.91
CA LEU C 113 15.99 17.59 28.24
C LEU C 113 15.39 18.34 27.04
N SER C 114 15.02 17.60 26.00
CA SER C 114 14.54 18.22 24.78
C SER C 114 13.67 17.27 23.99
N TRP C 115 12.36 17.47 24.05
CA TRP C 115 11.44 16.56 23.38
C TRP C 115 10.69 17.23 22.24
N ALA C 116 9.82 16.47 21.59
CA ALA C 116 9.03 16.99 20.48
C ALA C 116 7.54 16.88 20.75
N GLU C 117 6.77 17.73 20.06
CA GLU C 117 5.31 17.74 20.15
C GLU C 117 4.72 16.41 19.69
N PRO C 118 3.75 15.88 20.46
CA PRO C 118 3.06 14.62 20.15
C PRO C 118 2.63 14.52 18.69
N ALA C 119 2.67 13.30 18.15
CA ALA C 119 2.32 13.07 16.75
C ALA C 119 0.84 13.28 16.49
N GLU C 120 0.04 13.23 17.55
CA GLU C 120 -1.39 13.47 17.46
C GLU C 120 -1.81 14.57 18.42
N THR C 121 -2.00 15.77 17.88
CA THR C 121 -2.40 16.92 18.69
C THR C 121 -3.72 16.63 19.40
N ASN C 122 -4.68 16.11 18.64
CA ASN C 122 -6.00 15.77 19.16
C ASN C 122 -6.67 16.92 19.92
N GLY C 123 -6.41 18.14 19.48
CA GLY C 123 -6.96 19.33 20.11
C GLY C 123 -5.95 20.47 20.14
N GLU C 124 -5.82 21.11 21.29
CA GLU C 124 -4.84 22.17 21.46
C GLU C 124 -4.11 22.00 22.78
N ILE C 125 -2.85 21.62 22.72
CA ILE C 125 -2.04 21.40 23.91
C ILE C 125 -1.57 22.72 24.53
N THR C 126 -2.07 23.02 25.72
CA THR C 126 -1.77 24.29 26.38
C THR C 126 -0.61 24.21 27.36
N ALA C 127 -0.30 22.98 27.80
CA ALA C 127 0.80 22.78 28.73
C ALA C 127 1.25 21.32 28.79
N TYR C 128 2.42 21.10 29.39
CA TYR C 128 2.96 19.76 29.57
C TYR C 128 3.33 19.55 31.04
N GLU C 129 3.79 18.35 31.37
CA GLU C 129 4.27 18.06 32.72
C GLU C 129 5.50 17.16 32.71
N VAL C 130 6.54 17.58 33.43
CA VAL C 130 7.73 16.76 33.61
C VAL C 130 7.96 16.43 35.08
N CYS C 131 7.76 15.17 35.45
CA CYS C 131 8.08 14.73 36.81
C CYS C 131 9.25 13.74 36.83
N TYR C 132 10.08 13.84 37.87
CA TYR C 132 11.34 13.11 37.95
C TYR C 132 11.33 12.19 39.15
N GLY C 133 12.41 11.43 39.34
CA GLY C 133 12.50 10.63 40.54
C GLY C 133 13.54 9.53 40.65
N LEU C 134 13.78 9.11 41.88
CA LEU C 134 14.81 8.13 42.21
C LEU C 134 14.29 6.70 42.19
N VAL C 135 14.55 5.98 41.10
CA VAL C 135 14.27 4.54 41.03
C VAL C 135 15.56 3.78 40.79
N ASN C 136 15.60 2.51 41.18
CA ASN C 136 16.77 1.67 40.92
C ASN C 136 16.69 1.01 39.56
N ASP C 137 17.70 0.22 39.21
CA ASP C 137 17.71 -0.49 37.94
C ASP C 137 16.66 -1.60 37.97
N ASP C 138 16.29 -2.00 39.18
CA ASP C 138 15.21 -2.95 39.40
C ASP C 138 13.86 -2.27 39.19
N ASN C 139 13.91 -0.97 38.91
CA ASN C 139 12.71 -0.12 38.74
C ASN C 139 11.80 -0.09 39.96
N ARG C 140 12.41 0.12 41.12
CA ARG C 140 11.70 0.35 42.36
C ARG C 140 12.09 1.72 42.89
N PRO C 141 11.14 2.67 42.89
CA PRO C 141 11.44 4.02 43.39
C PRO C 141 11.76 4.03 44.88
N ILE C 142 12.43 5.08 45.34
CA ILE C 142 12.70 5.25 46.77
C ILE C 142 12.20 6.63 47.23
N GLY C 143 10.89 6.70 47.51
CA GLY C 143 10.26 7.94 47.92
C GLY C 143 9.25 8.45 46.89
N PRO C 144 8.51 9.53 47.24
CA PRO C 144 7.53 10.14 46.34
C PRO C 144 8.21 11.06 45.33
N MET C 145 7.90 10.88 44.05
CA MET C 145 8.72 11.48 43.01
C MET C 145 7.92 12.11 41.88
N ASP C 151 8.44 29.83 33.33
CA ASP C 151 7.23 30.58 33.61
C ASP C 151 6.00 29.88 33.05
N ASN C 152 6.23 28.80 32.31
CA ASN C 152 5.18 27.90 31.81
C ASN C 152 5.78 26.68 31.10
N PRO C 153 5.13 25.52 31.24
CA PRO C 153 5.59 24.29 30.61
C PRO C 153 5.12 24.15 29.17
N LYS C 154 4.42 25.16 28.65
CA LYS C 154 3.82 25.08 27.32
C LYS C 154 4.87 24.95 26.23
N ASN C 155 6.08 25.40 26.53
CA ASN C 155 7.20 25.30 25.58
C ASN C 155 8.18 24.19 25.93
N ARG C 156 8.96 23.73 24.95
CA ARG C 156 9.90 22.62 25.19
C ARG C 156 11.21 23.11 25.81
N MET C 157 12.17 22.19 25.88
CA MET C 157 13.56 22.50 26.27
C MET C 157 14.02 22.93 27.71
N LEU C 158 13.35 22.41 28.73
CA LEU C 158 13.73 22.74 30.11
C LEU C 158 14.88 21.88 30.66
N LEU C 159 15.54 22.37 31.71
CA LEU C 159 16.64 21.64 32.37
C LEU C 159 16.79 21.95 33.87
N ILE C 160 17.53 21.10 34.60
CA ILE C 160 17.66 21.19 36.05
C ILE C 160 18.96 20.50 36.46
N GLU C 161 19.52 20.88 37.61
CA GLU C 161 20.80 20.34 38.07
C GLU C 161 20.68 19.47 39.31
N PRO C 168 19.28 6.26 37.14
CA PRO C 168 18.52 6.06 38.40
C PRO C 168 17.47 7.15 38.55
N TYR C 169 17.14 7.82 37.44
CA TYR C 169 16.15 8.89 37.44
C TYR C 169 15.02 8.69 36.43
N ARG C 170 13.80 8.57 36.94
CA ARG C 170 12.61 8.42 36.10
C ARG C 170 12.23 9.75 35.47
N TYR C 171 11.95 9.73 34.17
CA TYR C 171 11.43 10.90 33.48
C TYR C 171 10.06 10.61 32.89
N THR C 172 9.12 11.53 33.07
CA THR C 172 7.80 11.40 32.50
C THR C 172 7.35 12.71 31.88
N VAL C 173 6.95 12.66 30.62
CA VAL C 173 6.45 13.84 29.93
C VAL C 173 5.09 13.56 29.30
N LYS C 174 4.08 14.31 29.72
CA LYS C 174 2.74 14.16 29.17
C LYS C 174 2.15 15.51 28.74
N ALA C 175 1.28 15.47 27.73
CA ALA C 175 0.70 16.68 27.16
C ALA C 175 -0.67 16.97 27.74
N ARG C 176 -1.10 18.24 27.68
CA ARG C 176 -2.41 18.62 28.18
C ARG C 176 -3.18 19.47 27.17
N ASN C 177 -4.24 18.85 26.65
CA ASN C 177 -5.17 19.44 25.70
C ASN C 177 -6.58 19.44 26.29
N GLY C 178 -7.42 20.33 25.79
CA GLY C 178 -8.65 20.75 26.43
C GLY C 178 -9.27 19.61 27.23
N ALA C 179 -9.29 18.42 26.64
CA ALA C 179 -9.89 17.25 27.28
C ALA C 179 -9.24 16.91 28.60
N GLY C 180 -7.92 16.99 28.66
CA GLY C 180 -7.20 16.68 29.88
C GLY C 180 -5.77 16.24 29.64
N TRP C 181 -5.26 15.39 30.52
CA TRP C 181 -3.86 14.96 30.46
C TRP C 181 -3.67 13.70 29.62
N GLY C 182 -2.57 13.68 28.87
CA GLY C 182 -2.29 12.59 27.95
C GLY C 182 -1.34 11.54 28.51
N PRO C 183 -1.20 10.41 27.79
CA PRO C 183 -0.26 9.34 28.14
C PRO C 183 1.18 9.86 28.17
N GLU C 184 1.89 9.56 29.24
CA GLU C 184 3.25 10.06 29.41
C GLU C 184 4.25 9.30 28.52
N ARG C 185 5.29 10.01 28.09
CA ARG C 185 6.39 9.39 27.37
C ARG C 185 7.48 8.98 28.37
N GLU C 186 8.09 7.83 28.14
CA GLU C 186 9.13 7.34 29.04
C GLU C 186 10.52 7.44 28.42
N ALA C 187 11.43 7.96 29.22
CA ALA C 187 12.84 7.90 28.96
C ALA C 187 13.46 7.81 30.33
N ILE C 188 14.46 6.94 30.46
CA ILE C 188 15.28 6.93 31.67
C ILE C 188 16.74 6.62 31.40
N ILE C 189 17.62 7.56 31.76
CA ILE C 189 19.06 7.35 31.66
C ILE C 189 19.78 7.93 32.87
N ASN C 190 20.95 7.37 33.19
CA ASN C 190 21.90 8.02 34.06
C ASN C 190 22.61 9.05 33.17
N LEU C 191 23.29 10.03 33.77
CA LEU C 191 23.91 11.09 32.98
C LEU C 191 25.30 10.69 32.49
N ALA C 192 25.98 9.84 33.26
CA ALA C 192 27.29 9.33 32.86
C ALA C 192 27.20 8.49 31.59
N THR C 193 25.98 8.05 31.28
CA THR C 193 25.74 7.23 30.09
C THR C 193 26.09 7.98 28.80
N GLN C 194 25.59 9.20 28.68
CA GLN C 194 25.82 10.00 27.50
C GLN C 194 27.18 10.69 27.57
N LEU D 2 2.95 -1.59 50.83
CA LEU D 2 2.72 -1.59 49.39
C LEU D 2 1.77 -2.72 49.01
N GLY D 3 0.48 -2.52 49.25
CA GLY D 3 -0.52 -3.53 48.96
C GLY D 3 -0.92 -3.59 47.50
N ALA D 4 -1.32 -4.77 47.03
CA ALA D 4 -1.78 -4.94 45.66
C ALA D 4 -3.28 -4.72 45.55
N PRO D 5 -3.72 -4.11 44.45
CA PRO D 5 -5.13 -3.76 44.25
C PRO D 5 -5.97 -4.93 43.73
N GLN D 6 -6.57 -5.71 44.62
CA GLN D 6 -7.35 -6.87 44.19
C GLN D 6 -8.70 -6.46 43.59
N ASN D 7 -9.40 -7.44 43.03
CA ASN D 7 -10.75 -7.26 42.50
C ASN D 7 -10.96 -6.24 41.37
N PRO D 8 -10.02 -6.14 40.41
CA PRO D 8 -10.33 -5.16 39.36
C PRO D 8 -11.29 -5.71 38.30
N ASN D 9 -12.12 -4.84 37.73
CA ASN D 9 -12.95 -5.21 36.60
C ASN D 9 -12.95 -4.10 35.56
N ALA D 10 -12.84 -4.48 34.29
CA ALA D 10 -12.78 -3.50 33.21
C ALA D 10 -13.73 -3.87 32.09
N LYS D 11 -14.40 -2.85 31.55
CA LYS D 11 -15.37 -3.06 30.47
C LYS D 11 -15.24 -1.97 29.41
N ALA D 12 -15.98 -2.14 28.32
CA ALA D 12 -16.00 -1.15 27.26
C ALA D 12 -16.97 -0.02 27.60
N ALA D 13 -16.66 1.18 27.13
CA ALA D 13 -17.50 2.35 27.40
C ALA D 13 -17.99 2.94 26.09
N GLY D 14 -17.24 2.72 25.03
CA GLY D 14 -17.61 3.19 23.71
C GLY D 14 -17.03 2.27 22.66
N SER D 15 -16.98 2.74 21.42
CA SER D 15 -16.42 1.95 20.34
C SER D 15 -14.91 2.16 20.20
N ARG D 16 -14.40 3.18 20.87
CA ARG D 16 -12.97 3.47 20.80
C ARG D 16 -12.37 3.84 22.16
N LYS D 17 -13.07 3.46 23.23
CA LYS D 17 -12.56 3.72 24.58
C LYS D 17 -13.13 2.73 25.59
N ILE D 18 -12.31 2.35 26.57
CA ILE D 18 -12.77 1.46 27.65
C ILE D 18 -12.45 2.01 29.02
N HIS D 19 -13.13 1.47 30.03
CA HIS D 19 -13.06 1.99 31.40
C HIS D 19 -12.49 0.97 32.37
N PHE D 20 -11.41 1.35 33.06
CA PHE D 20 -10.72 0.45 33.99
C PHE D 20 -10.92 0.91 35.44
N ASN D 21 -11.52 0.05 36.25
CA ASN D 21 -11.66 0.32 37.68
C ASN D 21 -11.16 -0.83 38.54
N TRP D 22 -10.74 -0.50 39.76
CA TRP D 22 -10.22 -1.49 40.69
C TRP D 22 -10.33 -0.99 42.11
N LEU D 23 -10.53 -1.90 43.05
CA LEU D 23 -10.65 -1.54 44.46
C LEU D 23 -9.30 -1.22 45.07
N PRO D 24 -9.18 -0.03 45.68
CA PRO D 24 -7.93 0.50 46.23
C PRO D 24 -7.28 -0.41 47.27
N PRO D 25 -5.94 -0.40 47.34
CA PRO D 25 -5.22 -1.19 48.33
C PRO D 25 -5.08 -0.42 49.64
N SER D 26 -4.14 -0.82 50.48
CA SER D 26 -3.82 -0.08 51.70
C SER D 26 -2.30 0.06 51.82
N GLY D 27 -1.87 1.27 52.14
CA GLY D 27 -0.45 1.57 52.24
C GLY D 27 -0.17 3.03 51.99
N LYS D 28 0.76 3.31 51.09
CA LYS D 28 1.14 4.68 50.79
C LYS D 28 1.13 5.02 49.30
N PRO D 29 -0.02 4.85 48.61
CA PRO D 29 -0.01 5.25 47.20
C PRO D 29 -0.37 6.72 47.00
N MET D 30 0.55 7.51 46.45
CA MET D 30 0.28 8.91 46.14
C MET D 30 -0.41 9.02 44.78
N GLY D 31 0.00 8.16 43.85
CA GLY D 31 -0.59 8.11 42.53
C GLY D 31 -0.46 6.71 41.94
N TYR D 32 -1.17 6.43 40.85
CA TYR D 32 -1.17 5.10 40.25
C TYR D 32 -0.54 5.11 38.85
N ARG D 33 -0.19 3.93 38.36
CA ARG D 33 0.25 3.76 36.99
C ARG D 33 -0.41 2.53 36.40
N VAL D 34 -0.89 2.65 35.16
CA VAL D 34 -1.58 1.55 34.50
C VAL D 34 -0.84 1.07 33.26
N LYS D 35 -0.48 -0.21 33.25
CA LYS D 35 0.08 -0.83 32.05
C LYS D 35 -1.08 -1.35 31.23
N TYR D 36 -1.06 -1.11 29.93
CA TYR D 36 -2.08 -1.65 29.03
C TYR D 36 -1.61 -1.87 27.60
N TRP D 37 -1.93 -3.04 27.06
CA TRP D 37 -1.48 -3.41 25.72
C TRP D 37 -2.51 -4.31 25.02
N ILE D 38 -2.29 -4.51 23.73
CA ILE D 38 -3.12 -5.38 22.91
C ILE D 38 -2.77 -6.84 23.13
N GLN D 39 -3.79 -7.68 23.30
CA GLN D 39 -3.58 -9.11 23.53
C GLN D 39 -2.89 -9.75 22.32
N GLY D 40 -1.62 -10.09 22.50
CA GLY D 40 -0.80 -10.59 21.41
C GLY D 40 0.42 -9.72 21.25
N ASP D 41 0.49 -8.64 22.02
CA ASP D 41 1.63 -7.74 21.99
C ASP D 41 2.52 -7.89 23.22
N SER D 42 3.70 -7.27 23.16
CA SER D 42 4.70 -7.40 24.21
C SER D 42 4.23 -6.85 25.57
N GLU D 43 4.93 -7.25 26.62
CA GLU D 43 4.63 -6.79 27.97
C GLU D 43 5.27 -5.43 28.22
N SER D 44 6.54 -5.31 27.85
CA SER D 44 7.31 -4.09 28.08
C SER D 44 6.94 -3.00 27.08
N GLU D 45 6.50 -3.40 25.89
CA GLU D 45 6.16 -2.46 24.82
C GLU D 45 4.76 -1.88 24.93
N ALA D 46 4.21 -1.86 26.14
CA ALA D 46 2.84 -1.40 26.37
C ALA D 46 2.74 0.10 26.54
N HIS D 47 1.52 0.63 26.47
CA HIS D 47 1.26 2.03 26.79
C HIS D 47 1.05 2.15 28.30
N LEU D 48 1.59 3.20 28.90
CA LEU D 48 1.44 3.43 30.32
C LEU D 48 0.74 4.77 30.56
N LEU D 49 -0.17 4.81 31.53
CA LEU D 49 -0.96 6.01 31.77
C LEU D 49 -1.00 6.38 33.25
N ASP D 50 -0.37 7.50 33.58
CA ASP D 50 -0.27 7.97 34.96
C ASP D 50 -1.61 8.44 35.52
N SER D 51 -2.09 7.76 36.56
CA SER D 51 -3.35 8.11 37.19
C SER D 51 -3.14 8.49 38.64
N LYS D 52 -4.04 9.30 39.17
CA LYS D 52 -4.01 9.67 40.58
C LYS D 52 -5.25 9.09 41.27
N VAL D 53 -6.27 8.79 40.46
CA VAL D 53 -7.53 8.28 40.98
C VAL D 53 -7.70 6.81 40.61
N PRO D 54 -8.44 6.04 41.42
CA PRO D 54 -8.65 4.61 41.15
C PRO D 54 -9.59 4.32 39.98
N SER D 55 -9.44 5.05 38.88
CA SER D 55 -10.26 4.86 37.69
C SER D 55 -9.70 5.63 36.50
N VAL D 56 -9.73 5.02 35.32
CA VAL D 56 -9.23 5.67 34.11
C VAL D 56 -10.11 5.41 32.90
N GLU D 57 -9.98 6.28 31.91
CA GLU D 57 -10.69 6.13 30.64
C GLU D 57 -9.68 6.12 29.50
N LEU D 58 -9.42 4.95 28.93
CA LEU D 58 -8.41 4.80 27.91
C LEU D 58 -8.93 5.23 26.55
N THR D 59 -8.03 5.60 25.64
CA THR D 59 -8.41 6.32 24.42
C THR D 59 -7.52 5.95 23.24
N ASN D 60 -8.04 6.11 22.02
CA ASN D 60 -7.34 5.72 20.79
C ASN D 60 -7.17 4.21 20.76
N LEU D 61 -8.18 3.53 21.27
CA LEU D 61 -8.20 2.08 21.26
C LEU D 61 -8.87 1.60 19.98
N TYR D 62 -8.36 0.52 19.43
CA TYR D 62 -8.90 -0.03 18.20
C TYR D 62 -10.14 -0.86 18.50
N PRO D 63 -11.28 -0.46 17.91
CA PRO D 63 -12.54 -1.20 18.03
C PRO D 63 -12.38 -2.66 17.62
N TYR D 64 -13.08 -3.55 18.33
CA TYR D 64 -12.96 -5.00 18.11
C TYR D 64 -11.51 -5.47 18.21
N CYS D 65 -10.84 -5.07 19.28
CA CYS D 65 -9.48 -5.51 19.53
C CYS D 65 -9.31 -5.89 21.00
N ASP D 66 -8.68 -7.03 21.23
CA ASP D 66 -8.47 -7.51 22.60
C ASP D 66 -7.43 -6.66 23.33
N TYR D 67 -7.68 -6.40 24.61
CA TYR D 67 -6.78 -5.59 25.42
C TYR D 67 -6.48 -6.24 26.76
N GLU D 68 -5.23 -6.13 27.20
CA GLU D 68 -4.84 -6.58 28.54
C GLU D 68 -4.32 -5.38 29.31
N MET D 69 -4.59 -5.33 30.61
CA MET D 69 -4.12 -4.20 31.42
C MET D 69 -3.89 -4.56 32.89
N LYS D 70 -3.16 -3.68 33.57
CA LYS D 70 -2.74 -3.94 34.94
C LYS D 70 -2.31 -2.63 35.60
N VAL D 71 -2.64 -2.48 36.88
CA VAL D 71 -2.35 -1.21 37.58
C VAL D 71 -1.55 -1.40 38.86
N CYS D 72 -0.51 -0.57 39.01
CA CYS D 72 0.29 -0.54 40.23
C CYS D 72 0.01 0.73 41.04
N ALA D 73 0.70 0.87 42.17
CA ALA D 73 0.52 2.02 43.04
C ALA D 73 1.86 2.54 43.57
N TYR D 74 2.15 3.82 43.34
CA TYR D 74 3.40 4.40 43.84
C TYR D 74 3.20 5.65 44.70
N GLY D 75 4.03 5.78 45.73
CA GLY D 75 3.94 6.89 46.67
C GLY D 75 5.14 6.97 47.59
N ALA D 76 4.89 7.17 48.88
CA ALA D 76 5.93 7.46 49.87
C ALA D 76 7.09 6.47 49.92
N GLN D 77 6.88 5.28 49.37
CA GLN D 77 7.95 4.30 49.21
C GLN D 77 8.25 4.08 47.73
N GLY D 78 7.19 4.06 46.93
CA GLY D 78 7.32 3.84 45.49
C GLY D 78 6.33 2.82 44.95
N GLU D 79 6.58 2.34 43.74
CA GLU D 79 5.70 1.36 43.10
C GLU D 79 5.64 0.06 43.91
N GLY D 80 4.45 -0.51 43.98
CA GLY D 80 4.26 -1.79 44.64
C GLY D 80 3.96 -2.88 43.63
N PRO D 81 3.11 -3.84 44.02
CA PRO D 81 2.74 -4.97 43.17
C PRO D 81 1.70 -4.57 42.14
N TYR D 82 1.72 -5.24 40.99
CA TYR D 82 0.71 -5.00 39.97
C TYR D 82 -0.49 -5.92 40.20
N SER D 83 -1.69 -5.36 40.02
CA SER D 83 -2.94 -6.06 40.29
C SER D 83 -3.15 -7.28 39.38
N SER D 84 -4.29 -7.94 39.52
CA SER D 84 -4.63 -9.03 38.63
C SER D 84 -4.86 -8.50 37.21
N LEU D 85 -4.31 -9.21 36.24
CA LEU D 85 -4.44 -8.82 34.83
C LEU D 85 -5.86 -8.98 34.32
N VAL D 86 -6.40 -7.90 33.74
CA VAL D 86 -7.75 -7.92 33.20
C VAL D 86 -7.70 -7.96 31.68
N SER D 87 -8.78 -8.43 31.05
CA SER D 87 -8.85 -8.52 29.61
C SER D 87 -10.18 -8.02 29.07
N CYS D 88 -10.13 -6.97 28.25
CA CYS D 88 -11.34 -6.36 27.71
C CYS D 88 -11.24 -6.11 26.21
N ARG D 89 -12.33 -6.38 25.49
CA ARG D 89 -12.38 -6.15 24.04
C ARG D 89 -13.37 -5.03 23.73
N THR D 90 -12.90 -4.04 22.97
CA THR D 90 -13.68 -2.86 22.65
C THR D 90 -14.86 -3.19 21.74
N HIS D 91 -15.81 -2.28 21.64
CA HIS D 91 -17.00 -2.51 20.82
C HIS D 91 -16.72 -2.49 19.32
N GLN D 92 -17.66 -2.98 18.52
CA GLN D 92 -17.54 -2.95 17.07
C GLN D 92 -17.78 -1.53 16.58
N GLU D 93 -17.38 -1.39 15.27
CA GLU D 93 -17.62 -0.08 14.68
C GLU D 93 -17.93 -0.16 13.19
N VAL D 94 -18.58 0.89 12.69
CA VAL D 94 -18.87 1.04 11.27
C VAL D 94 -17.61 0.90 10.42
N PRO D 95 -17.57 -0.11 9.54
CA PRO D 95 -16.42 -0.38 8.68
C PRO D 95 -16.24 0.75 7.67
N SER D 96 -15.04 0.85 7.08
CA SER D 96 -14.74 1.92 6.15
C SER D 96 -15.33 1.64 4.76
N GLU D 97 -14.90 2.42 3.78
CA GLU D 97 -15.31 2.19 2.40
C GLU D 97 -14.65 0.91 1.88
N PRO D 98 -15.37 0.15 1.05
CA PRO D 98 -14.82 -1.05 0.44
C PRO D 98 -13.67 -0.72 -0.50
N GLY D 99 -12.95 -1.74 -0.96
CA GLY D 99 -11.83 -1.55 -1.85
C GLY D 99 -12.21 -0.89 -3.17
N ARG D 100 -11.22 -0.73 -4.05
CA ARG D 100 -11.44 -0.15 -5.37
C ARG D 100 -12.49 -0.92 -6.14
N LEU D 101 -13.35 -0.20 -6.85
CA LEU D 101 -14.34 -0.85 -7.69
C LEU D 101 -13.73 -1.21 -9.04
N ALA D 102 -13.38 -2.47 -9.19
CA ALA D 102 -12.76 -2.95 -10.43
C ALA D 102 -13.71 -3.79 -11.26
N PHE D 103 -13.87 -3.40 -12.53
CA PHE D 103 -14.78 -4.10 -13.43
C PHE D 103 -14.04 -5.04 -14.37
N ASN D 104 -14.72 -6.09 -14.81
CA ASN D 104 -14.21 -6.91 -15.90
C ASN D 104 -15.25 -6.93 -17.01
N VAL D 105 -14.96 -6.17 -18.06
CA VAL D 105 -15.91 -5.99 -19.16
C VAL D 105 -16.08 -7.24 -20.02
N VAL D 106 -17.30 -7.76 -20.06
CA VAL D 106 -17.61 -8.92 -20.88
C VAL D 106 -18.20 -8.48 -22.21
N SER D 107 -19.49 -8.11 -22.19
CA SER D 107 -20.15 -7.59 -23.39
C SER D 107 -20.62 -6.17 -23.15
N SER D 108 -21.28 -5.58 -24.14
CA SER D 108 -21.78 -4.23 -24.03
C SER D 108 -22.94 -4.12 -23.04
N THR D 109 -23.44 -5.28 -22.58
CA THR D 109 -24.55 -5.31 -21.64
C THR D 109 -24.22 -6.14 -20.40
N VAL D 110 -23.04 -6.77 -20.38
CA VAL D 110 -22.67 -7.66 -19.27
C VAL D 110 -21.29 -7.33 -18.72
N THR D 111 -21.18 -7.29 -17.39
CA THR D 111 -19.90 -7.01 -16.73
C THR D 111 -19.64 -7.94 -15.55
N GLN D 112 -18.50 -7.73 -14.90
CA GLN D 112 -18.09 -8.54 -13.76
C GLN D 112 -17.52 -7.63 -12.66
N LEU D 113 -18.33 -7.36 -11.64
CA LEU D 113 -17.95 -6.41 -10.60
C LEU D 113 -17.10 -7.05 -9.50
N SER D 114 -16.03 -6.37 -9.12
CA SER D 114 -15.07 -6.92 -8.17
C SER D 114 -14.53 -5.86 -7.22
N TRP D 115 -14.68 -6.09 -5.91
CA TRP D 115 -14.16 -5.16 -4.92
C TRP D 115 -13.35 -5.88 -3.85
N ALA D 116 -12.61 -5.10 -3.07
CA ALA D 116 -11.80 -5.65 -1.98
C ALA D 116 -12.51 -5.42 -0.66
N GLU D 117 -12.19 -6.26 0.32
CA GLU D 117 -12.72 -6.09 1.68
C GLU D 117 -12.23 -4.75 2.24
N PRO D 118 -13.09 -4.07 3.01
CA PRO D 118 -12.85 -2.76 3.60
C PRO D 118 -11.46 -2.63 4.22
N ALA D 119 -10.88 -1.43 4.14
CA ALA D 119 -9.53 -1.19 4.65
C ALA D 119 -9.39 -1.59 6.12
N GLU D 120 -10.18 -0.96 6.99
CA GLU D 120 -10.24 -1.39 8.37
C GLU D 120 -11.62 -1.96 8.71
N THR D 121 -11.65 -3.25 9.02
CA THR D 121 -12.91 -3.97 9.18
C THR D 121 -13.73 -3.49 10.37
N ASN D 122 -13.07 -3.28 11.51
CA ASN D 122 -13.74 -2.96 12.76
C ASN D 122 -14.78 -4.01 13.12
N GLY D 123 -14.31 -5.20 13.47
CA GLY D 123 -15.19 -6.32 13.73
C GLY D 123 -15.16 -7.28 12.56
N GLU D 124 -16.11 -8.21 12.55
CA GLU D 124 -16.20 -9.15 11.44
C GLU D 124 -17.31 -8.73 10.47
N ILE D 125 -16.91 -8.42 9.24
CA ILE D 125 -17.87 -8.04 8.21
C ILE D 125 -18.82 -9.22 7.99
N THR D 126 -20.12 -8.95 8.09
CA THR D 126 -21.12 -10.00 7.96
C THR D 126 -21.73 -10.03 6.56
N ALA D 127 -21.90 -8.85 5.97
CA ALA D 127 -22.48 -8.77 4.63
C ALA D 127 -22.14 -7.47 3.94
N TYR D 128 -22.34 -7.45 2.63
CA TYR D 128 -22.12 -6.25 1.82
C TYR D 128 -23.41 -5.92 1.08
N GLU D 129 -23.43 -4.77 0.42
CA GLU D 129 -24.57 -4.38 -0.41
C GLU D 129 -24.12 -3.71 -1.68
N VAL D 130 -24.60 -4.20 -2.82
CA VAL D 130 -24.34 -3.57 -4.10
C VAL D 130 -25.61 -2.94 -4.67
N CYS D 131 -25.50 -1.70 -5.12
CA CYS D 131 -26.63 -1.02 -5.73
C CYS D 131 -26.20 -0.42 -7.05
N TYR D 132 -26.92 -0.75 -8.12
CA TYR D 132 -26.62 -0.16 -9.42
C TYR D 132 -27.86 0.37 -10.15
N GLY D 133 -27.63 1.26 -11.11
CA GLY D 133 -28.73 1.87 -11.84
C GLY D 133 -28.28 2.89 -12.88
N LEU D 134 -29.25 3.41 -13.63
CA LEU D 134 -29.01 4.37 -14.69
C LEU D 134 -28.58 5.72 -14.13
N VAL D 135 -27.96 6.54 -14.97
CA VAL D 135 -27.48 7.85 -14.55
C VAL D 135 -27.20 8.73 -15.76
N ASN D 136 -27.18 10.05 -15.55
CA ASN D 136 -26.74 10.97 -16.60
C ASN D 136 -25.27 11.33 -16.42
N ASP D 137 -24.84 12.42 -17.04
CA ASP D 137 -23.43 12.81 -16.99
C ASP D 137 -23.06 13.50 -15.68
N ASP D 138 -24.06 14.02 -14.96
CA ASP D 138 -23.80 14.79 -13.75
C ASP D 138 -24.02 13.99 -12.47
N ASN D 139 -23.86 12.67 -12.56
CA ASN D 139 -24.02 11.78 -11.41
C ASN D 139 -25.39 11.92 -10.74
N ARG D 140 -26.39 12.29 -11.52
CA ARG D 140 -27.77 12.36 -11.04
C ARG D 140 -28.58 11.20 -11.60
N PRO D 141 -28.85 10.19 -10.76
CA PRO D 141 -29.52 8.95 -11.13
C PRO D 141 -30.83 9.18 -11.89
N ILE D 142 -31.19 8.24 -12.76
CA ILE D 142 -32.45 8.29 -13.50
C ILE D 142 -33.29 7.07 -13.14
N GLY D 143 -34.17 7.23 -12.15
CA GLY D 143 -34.95 6.10 -11.65
C GLY D 143 -34.42 5.64 -10.31
N PRO D 144 -34.89 4.46 -9.84
CA PRO D 144 -34.46 3.91 -8.55
C PRO D 144 -33.19 3.08 -8.67
N MET D 145 -32.44 2.98 -7.58
CA MET D 145 -31.28 2.10 -7.52
C MET D 145 -31.79 0.67 -7.46
N LYS D 146 -30.94 -0.27 -7.83
CA LYS D 146 -31.30 -1.68 -7.72
C LYS D 146 -30.35 -2.42 -6.79
N LYS D 147 -30.68 -2.35 -5.50
CA LYS D 147 -29.85 -2.88 -4.43
C LYS D 147 -29.92 -4.41 -4.42
N VAL D 148 -28.75 -5.05 -4.46
CA VAL D 148 -28.68 -6.51 -4.35
C VAL D 148 -27.82 -6.92 -3.16
N LEU D 149 -28.46 -7.46 -2.14
CA LEU D 149 -27.75 -7.92 -0.95
C LEU D 149 -26.86 -9.10 -1.31
N VAL D 150 -25.56 -8.96 -1.06
CA VAL D 150 -24.65 -10.09 -1.24
C VAL D 150 -25.00 -11.13 -0.19
N ASP D 151 -24.94 -12.40 -0.57
CA ASP D 151 -25.37 -13.47 0.33
C ASP D 151 -24.42 -13.63 1.51
N ASN D 152 -23.16 -13.92 1.20
CA ASN D 152 -22.15 -14.13 2.22
C ASN D 152 -20.96 -13.21 2.00
N PRO D 153 -20.26 -12.83 3.08
CA PRO D 153 -19.15 -11.88 2.99
C PRO D 153 -17.94 -12.48 2.28
N LYS D 154 -17.95 -13.79 2.07
CA LYS D 154 -16.85 -14.49 1.42
C LYS D 154 -16.63 -14.02 0.00
N ASN D 155 -17.71 -13.94 -0.76
CA ASN D 155 -17.64 -13.60 -2.18
C ASN D 155 -17.63 -12.10 -2.46
N ARG D 156 -16.63 -11.65 -3.19
CA ARG D 156 -16.53 -10.25 -3.57
C ARG D 156 -16.84 -10.11 -5.05
N MET D 157 -17.11 -11.24 -5.70
CA MET D 157 -17.44 -11.25 -7.13
C MET D 157 -18.95 -11.14 -7.35
N LEU D 158 -19.32 -10.29 -8.31
CA LEU D 158 -20.71 -10.17 -8.70
C LEU D 158 -20.85 -10.02 -10.20
N LEU D 159 -21.77 -10.78 -10.79
CA LEU D 159 -22.06 -10.69 -12.21
C LEU D 159 -23.26 -9.78 -12.42
N ILE D 160 -23.20 -8.97 -13.47
CA ILE D 160 -24.29 -8.06 -13.80
C ILE D 160 -24.62 -8.14 -15.29
N GLU D 161 -25.82 -8.58 -15.61
CA GLU D 161 -26.22 -8.69 -17.01
C GLU D 161 -27.51 -7.93 -17.34
N ASN D 162 -27.82 -7.89 -18.63
CA ASN D 162 -28.99 -7.18 -19.14
C ASN D 162 -28.97 -5.70 -18.80
N LEU D 163 -28.11 -4.96 -19.47
CA LEU D 163 -27.94 -3.54 -19.21
C LEU D 163 -28.01 -2.75 -20.51
N ARG D 164 -28.41 -1.49 -20.41
CA ARG D 164 -28.43 -0.60 -21.57
C ARG D 164 -27.00 -0.37 -22.05
N GLU D 165 -26.80 -0.43 -23.37
CA GLU D 165 -25.48 -0.16 -23.93
C GLU D 165 -25.24 1.34 -23.99
N SER D 166 -23.98 1.74 -23.92
CA SER D 166 -23.57 3.13 -24.05
C SER D 166 -24.25 4.06 -23.05
N GLN D 167 -24.80 3.50 -21.98
CA GLN D 167 -25.42 4.27 -20.92
C GLN D 167 -24.60 4.19 -19.64
N PRO D 168 -24.23 5.35 -19.08
CA PRO D 168 -23.43 5.37 -17.85
C PRO D 168 -24.20 4.82 -16.66
N TYR D 169 -23.53 4.02 -15.84
CA TYR D 169 -24.14 3.41 -14.67
C TYR D 169 -23.43 3.81 -13.38
N ARG D 170 -24.20 3.96 -12.31
CA ARG D 170 -23.61 4.19 -10.99
C ARG D 170 -23.67 2.91 -10.15
N TYR D 171 -22.53 2.54 -9.58
CA TYR D 171 -22.47 1.37 -8.72
C TYR D 171 -21.99 1.77 -7.32
N THR D 172 -22.63 1.23 -6.30
CA THR D 172 -22.22 1.49 -4.92
C THR D 172 -22.09 0.20 -4.12
N VAL D 173 -21.07 0.16 -3.25
CA VAL D 173 -20.86 -0.98 -2.38
C VAL D 173 -20.68 -0.52 -0.95
N LYS D 174 -21.42 -1.13 -0.03
CA LYS D 174 -21.33 -0.83 1.39
C LYS D 174 -20.99 -2.07 2.20
N ALA D 175 -20.49 -1.87 3.41
CA ALA D 175 -20.06 -3.00 4.23
C ALA D 175 -20.78 -3.04 5.57
N ARG D 176 -21.25 -4.21 5.94
CA ARG D 176 -21.96 -4.38 7.20
C ARG D 176 -21.23 -5.34 8.13
N ASN D 177 -21.03 -4.85 9.35
CA ASN D 177 -20.39 -5.54 10.46
C ASN D 177 -21.22 -5.32 11.73
N GLY D 178 -20.96 -6.04 12.79
CA GLY D 178 -21.98 -6.26 13.79
C GLY D 178 -22.52 -4.90 14.17
N ALA D 179 -21.69 -3.87 14.05
CA ALA D 179 -22.08 -2.53 14.46
C ALA D 179 -23.04 -1.88 13.47
N GLY D 180 -23.10 -2.42 12.26
CA GLY D 180 -24.01 -1.91 11.25
C GLY D 180 -23.35 -1.63 9.92
N TRP D 181 -23.98 -0.77 9.12
CA TRP D 181 -23.48 -0.48 7.79
C TRP D 181 -22.35 0.55 7.81
N GLY D 182 -21.81 0.84 6.63
CA GLY D 182 -20.67 1.74 6.53
C GLY D 182 -20.74 2.64 5.32
N PRO D 183 -19.78 3.58 5.22
CA PRO D 183 -19.63 4.48 4.07
C PRO D 183 -19.47 3.70 2.77
N GLU D 184 -19.85 4.30 1.65
CA GLU D 184 -19.89 3.57 0.38
C GLU D 184 -18.76 3.94 -0.56
N ARG D 185 -18.47 3.02 -1.48
CA ARG D 185 -17.57 3.27 -2.60
C ARG D 185 -18.39 3.30 -3.89
N GLU D 186 -18.22 4.35 -4.67
CA GLU D 186 -19.05 4.56 -5.85
C GLU D 186 -18.21 4.73 -7.12
N ALA D 187 -18.63 4.08 -8.20
CA ALA D 187 -17.94 4.21 -9.48
C ALA D 187 -18.90 4.39 -10.65
N ILE D 188 -18.66 5.41 -11.47
CA ILE D 188 -19.44 5.58 -12.69
C ILE D 188 -18.69 4.93 -13.85
N ILE D 189 -19.36 4.01 -14.54
CA ILE D 189 -18.72 3.24 -15.60
C ILE D 189 -19.64 3.02 -16.79
N ASN D 190 -19.17 3.39 -17.97
CA ASN D 190 -19.90 3.15 -19.21
C ASN D 190 -19.18 2.09 -20.04
N LEU D 191 -19.83 0.95 -20.23
CA LEU D 191 -19.22 -0.21 -20.87
C LEU D 191 -18.78 0.02 -22.31
N ALA D 192 -19.28 1.08 -22.93
CA ALA D 192 -18.86 1.43 -24.29
C ALA D 192 -17.42 1.92 -24.28
N THR D 193 -17.16 2.96 -23.48
CA THR D 193 -15.83 3.55 -23.36
C THR D 193 -14.82 2.55 -22.82
N GLN D 194 -15.32 1.62 -21.99
CA GLN D 194 -14.50 0.60 -21.36
C GLN D 194 -13.99 -0.44 -22.36
N PRO D 195 -12.76 -0.93 -22.13
CA PRO D 195 -12.16 -2.01 -22.93
C PRO D 195 -12.91 -3.33 -22.80
#